data_6CQJ
#
_entry.id   6CQJ
#
_cell.length_a   68.684
_cell.length_b   82.017
_cell.length_c   83.050
_cell.angle_alpha   61.56
_cell.angle_beta   88.20
_cell.angle_gamma   86.47
#
_symmetry.space_group_name_H-M   'P 1'
#
loop_
_entity.id
_entity.type
_entity.pdbx_description
1 polymer 'HLA class II histocompatibility antigen, DR alpha chain'
2 polymer 'HLA class II histocompatibility antigen, DRB1-1 beta chain'
3 polymer 'Peptide from Capsid protein p24'
4 branched 2-acetamido-2-deoxy-beta-D-glucopyranose-(1-4)-2-acetamido-2-deoxy-beta-D-glucopyranose-(1-4)-2-acetamido-2-deoxy-beta-D-glucopyranose
5 non-polymer DI(HYDROXYETHYL)ETHER
6 non-polymer 2-acetamido-2-deoxy-beta-D-glucopyranose
7 non-polymer 'SODIUM ION'
8 water water
#
loop_
_entity_poly.entity_id
_entity_poly.type
_entity_poly.pdbx_seq_one_letter_code
_entity_poly.pdbx_strand_id
1 'polypeptide(L)'
;IKEEHVIIQAEFYLNPDQSGEFMFDFDGDEIFHVDMAKKETVWRLEEFGRFASFEAQGALANIAVDKANLEIMTKRSNYT
PITNVPPEVTVLTNSPVELREPNVLICFIDKFTPPVVNVTWLRNGKPVTTGVSETVFLPREDHLFRKFHYLPFLPSTEDV
YDCRVEHWGLDEPLLKHWEFDT
;
A,D,G
2 'polypeptide(L)'
;DTRPRFLWQLKFECHFFNGTERVRLLERCIYNQEESVRFDSDVGEYRAVTELGRPDAEYWNSQKDLLEQRRAAVDTYCRH
NYGVGESFTVQRRVEPKVTVYPSKTQPLQHHNLLVCSVSGFYPGSIEVRWFRNGQEEKAGVVSTGLIQNGDWTFQTLVML
ETVPRSGEVYTCQVEHPSVTSPLTVEWRA
;
B,E,H
3 'polypeptide(L)' RFYKTLRAEQASQ C,F,I
#
# COMPACT_ATOMS: atom_id res chain seq x y z
N GLU A 3 31.02 4.70 9.30
CA GLU A 3 29.90 5.18 8.49
C GLU A 3 28.53 5.04 9.20
N GLU A 4 27.44 5.29 8.45
CA GLU A 4 26.08 5.15 8.95
C GLU A 4 25.30 4.18 8.09
N HIS A 5 25.17 4.49 6.78
CA HIS A 5 24.37 3.71 5.83
C HIS A 5 25.03 3.48 4.47
N VAL A 6 24.65 2.37 3.82
CA VAL A 6 25.10 1.97 2.47
C VAL A 6 23.89 1.47 1.67
N ILE A 7 23.65 2.09 0.51
CA ILE A 7 22.65 1.70 -0.49
C ILE A 7 23.39 1.10 -1.69
N ILE A 8 23.09 -0.17 -2.04
CA ILE A 8 23.79 -0.80 -3.19
C ILE A 8 22.84 -1.21 -4.33
N GLN A 9 23.19 -0.82 -5.57
CA GLN A 9 22.54 -1.23 -6.81
C GLN A 9 23.50 -2.28 -7.27
N ALA A 10 23.08 -3.51 -7.17
CA ALA A 10 23.87 -4.67 -7.54
C ALA A 10 23.16 -5.41 -8.66
N GLU A 11 23.92 -5.73 -9.71
CA GLU A 11 23.46 -6.48 -10.89
C GLU A 11 24.52 -7.51 -11.27
N PHE A 12 24.10 -8.60 -11.89
CA PHE A 12 24.97 -9.63 -12.41
C PHE A 12 24.40 -10.27 -13.67
N TYR A 13 25.28 -10.79 -14.51
CA TYR A 13 24.92 -11.61 -15.64
C TYR A 13 25.85 -12.83 -15.63
N LEU A 14 25.28 -14.03 -15.82
CA LEU A 14 26.00 -15.30 -15.81
C LEU A 14 25.74 -16.10 -17.09
N ASN A 15 26.82 -16.59 -17.73
CA ASN A 15 26.81 -17.43 -18.92
C ASN A 15 27.47 -18.77 -18.55
N PRO A 16 27.08 -19.94 -19.14
CA PRO A 16 26.08 -20.16 -20.22
C PRO A 16 24.61 -20.12 -19.77
N ASP A 17 24.39 -20.03 -18.43
CA ASP A 17 23.06 -20.03 -17.79
C ASP A 17 22.11 -18.96 -18.33
N GLN A 18 22.64 -17.83 -18.80
CA GLN A 18 21.84 -16.70 -19.30
C GLN A 18 20.88 -16.20 -18.22
N SER A 19 21.39 -16.15 -16.98
CA SER A 19 20.61 -15.69 -15.86
C SER A 19 21.22 -14.42 -15.29
N GLY A 20 20.43 -13.35 -15.33
CA GLY A 20 20.74 -12.04 -14.83
C GLY A 20 19.98 -11.70 -13.55
N GLU A 21 20.36 -10.58 -12.91
CA GLU A 21 19.76 -10.10 -11.68
C GLU A 21 20.04 -8.62 -11.49
N PHE A 22 19.03 -7.89 -10.99
CA PHE A 22 19.11 -6.48 -10.65
C PHE A 22 18.39 -6.31 -9.31
N MET A 23 19.03 -5.68 -8.33
CA MET A 23 18.44 -5.47 -7.01
C MET A 23 19.03 -4.26 -6.28
N PHE A 24 18.30 -3.75 -5.28
CA PHE A 24 18.76 -2.65 -4.42
C PHE A 24 18.86 -3.17 -2.99
N ASP A 25 19.94 -2.85 -2.28
CA ASP A 25 20.32 -3.26 -0.89
C ASP A 25 20.38 -1.97 -0.02
N PHE A 26 19.79 -2.01 1.18
CA PHE A 26 19.96 -0.95 2.16
C PHE A 26 20.53 -1.64 3.41
N ASP A 27 21.81 -1.34 3.75
CA ASP A 27 22.54 -1.92 4.88
C ASP A 27 22.51 -3.45 4.95
N GLY A 28 22.56 -4.10 3.77
CA GLY A 28 22.58 -5.55 3.65
C GLY A 28 21.28 -6.20 3.24
N ASP A 29 20.16 -5.52 3.54
CA ASP A 29 18.78 -5.95 3.29
C ASP A 29 18.27 -5.44 1.95
N GLU A 30 17.73 -6.37 1.11
CA GLU A 30 17.13 -6.08 -0.20
C GLU A 30 15.93 -5.15 -0.09
N ILE A 31 15.92 -4.04 -0.84
CA ILE A 31 14.77 -3.13 -0.93
C ILE A 31 13.79 -3.77 -1.96
N PHE A 32 14.30 -4.06 -3.16
CA PHE A 32 13.57 -4.69 -4.25
C PHE A 32 14.54 -5.33 -5.23
N HIS A 33 13.99 -6.14 -6.13
CA HIS A 33 14.68 -6.77 -7.25
C HIS A 33 13.75 -6.70 -8.48
N VAL A 34 14.28 -6.88 -9.66
CA VAL A 34 13.44 -6.88 -10.84
C VAL A 34 13.31 -8.33 -11.29
N ASP A 35 12.08 -8.78 -11.45
CA ASP A 35 11.80 -10.11 -11.95
C ASP A 35 12.10 -10.04 -13.48
N MET A 36 13.06 -10.82 -13.94
CA MET A 36 13.51 -10.81 -15.34
C MET A 36 12.46 -11.39 -16.29
N ALA A 37 11.73 -12.45 -15.87
CA ALA A 37 10.69 -13.08 -16.68
C ALA A 37 9.47 -12.17 -16.82
N LYS A 38 8.89 -11.73 -15.68
CA LYS A 38 7.70 -10.89 -15.62
C LYS A 38 7.99 -9.44 -15.97
N LYS A 39 9.29 -9.04 -15.98
CA LYS A 39 9.79 -7.68 -16.28
C LYS A 39 9.18 -6.61 -15.35
N GLU A 40 9.02 -6.96 -14.05
CA GLU A 40 8.42 -6.09 -13.04
C GLU A 40 9.10 -6.14 -11.66
N THR A 41 8.95 -5.03 -10.93
CA THR A 41 9.54 -4.78 -9.62
C THR A 41 8.90 -5.62 -8.52
N VAL A 42 9.76 -6.36 -7.77
CA VAL A 42 9.34 -7.17 -6.65
C VAL A 42 9.92 -6.54 -5.38
N TRP A 43 9.07 -5.89 -4.59
CA TRP A 43 9.44 -5.23 -3.33
C TRP A 43 9.61 -6.30 -2.26
N ARG A 44 10.70 -6.23 -1.43
CA ARG A 44 10.99 -7.16 -0.33
C ARG A 44 9.87 -7.21 0.69
N LEU A 45 9.35 -6.04 1.08
CA LEU A 45 8.20 -5.91 1.98
C LEU A 45 7.17 -5.11 1.21
N GLU A 46 5.86 -5.43 1.31
CA GLU A 46 4.80 -4.77 0.54
C GLU A 46 4.77 -3.25 0.80
N GLU A 47 5.01 -2.83 2.06
CA GLU A 47 5.06 -1.45 2.53
C GLU A 47 5.90 -0.58 1.61
N PHE A 48 7.05 -1.10 1.15
CA PHE A 48 8.00 -0.41 0.28
C PHE A 48 7.31 0.01 -1.03
N GLY A 49 6.43 -0.84 -1.55
CA GLY A 49 5.68 -0.63 -2.79
C GLY A 49 4.64 0.46 -2.73
N ARG A 50 4.19 0.77 -1.49
CA ARG A 50 3.18 1.77 -1.14
C ARG A 50 3.80 3.15 -0.87
N PHE A 51 5.12 3.22 -0.55
CA PHE A 51 5.81 4.49 -0.26
C PHE A 51 6.87 4.90 -1.30
N ALA A 52 7.28 3.98 -2.19
CA ALA A 52 8.26 4.24 -3.25
C ALA A 52 7.86 3.54 -4.52
N SER A 53 8.38 4.01 -5.66
CA SER A 53 8.12 3.47 -7.00
C SER A 53 9.44 3.21 -7.76
N PHE A 54 9.36 2.43 -8.83
CA PHE A 54 10.50 2.08 -9.68
C PHE A 54 10.06 1.76 -11.13
N GLU A 55 10.88 2.18 -12.13
CA GLU A 55 10.70 1.92 -13.57
C GLU A 55 11.70 0.85 -13.95
N ALA A 56 11.22 -0.39 -14.09
CA ALA A 56 12.05 -1.54 -14.37
C ALA A 56 12.75 -1.55 -15.74
N GLN A 57 12.30 -0.79 -16.77
CA GLN A 57 13.03 -0.86 -18.07
C GLN A 57 14.45 -0.35 -17.94
N GLY A 58 14.70 0.61 -17.05
CA GLY A 58 16.07 1.06 -16.80
C GLY A 58 16.94 -0.07 -16.27
N ALA A 59 16.36 -0.92 -15.43
CA ALA A 59 17.00 -2.08 -14.85
C ALA A 59 17.25 -3.15 -15.90
N LEU A 60 16.30 -3.35 -16.84
CA LEU A 60 16.44 -4.34 -17.92
C LEU A 60 17.42 -3.88 -19.01
N ALA A 61 17.59 -2.58 -19.20
CA ALA A 61 18.53 -2.00 -20.15
C ALA A 61 19.94 -2.22 -19.62
N ASN A 62 20.13 -2.05 -18.30
CA ASN A 62 21.42 -2.33 -17.63
C ASN A 62 21.82 -3.75 -17.81
N ILE A 63 20.89 -4.69 -17.68
CA ILE A 63 21.15 -6.14 -17.84
C ILE A 63 21.61 -6.50 -19.27
N ALA A 64 21.08 -5.82 -20.30
CA ALA A 64 21.47 -6.04 -21.70
C ALA A 64 22.94 -5.69 -21.90
N VAL A 65 23.39 -4.58 -21.25
CA VAL A 65 24.79 -4.09 -21.22
C VAL A 65 25.67 -5.08 -20.42
N ASP A 66 25.20 -5.58 -19.26
CA ASP A 66 25.97 -6.54 -18.46
C ASP A 66 26.26 -7.81 -19.27
N LYS A 67 25.24 -8.32 -20.03
CA LYS A 67 25.34 -9.50 -20.91
C LYS A 67 26.40 -9.22 -21.96
N ALA A 68 26.31 -8.04 -22.62
CA ALA A 68 27.22 -7.58 -23.66
C ALA A 68 28.65 -7.46 -23.13
N ASN A 69 28.85 -6.89 -21.92
CA ASN A 69 30.16 -6.74 -21.27
C ASN A 69 30.71 -8.05 -20.77
N LEU A 70 29.84 -9.00 -20.37
CA LEU A 70 30.31 -10.31 -19.94
C LEU A 70 30.96 -11.02 -21.12
N GLU A 71 30.36 -10.90 -22.31
CA GLU A 71 30.85 -11.52 -23.54
C GLU A 71 32.17 -10.94 -24.00
N ILE A 72 32.40 -9.63 -23.76
CA ILE A 72 33.65 -8.92 -24.02
C ILE A 72 34.74 -9.41 -23.06
N MET A 73 34.45 -9.45 -21.76
CA MET A 73 35.38 -9.88 -20.72
C MET A 73 35.74 -11.34 -20.84
N THR A 74 34.77 -12.22 -21.23
CA THR A 74 34.98 -13.66 -21.45
C THR A 74 36.11 -13.86 -22.47
N LYS A 75 36.01 -13.21 -23.66
CA LYS A 75 37.03 -13.23 -24.71
C LYS A 75 38.35 -12.61 -24.21
N ARG A 76 38.31 -11.38 -23.63
CA ARG A 76 39.47 -10.63 -23.12
C ARG A 76 40.34 -11.43 -22.15
N SER A 77 39.72 -12.17 -21.22
CA SER A 77 40.37 -13.01 -20.21
C SER A 77 40.81 -14.36 -20.78
N ASN A 78 40.78 -14.53 -22.13
CA ASN A 78 41.13 -15.78 -22.86
C ASN A 78 40.30 -16.98 -22.32
N TYR A 79 38.99 -16.75 -22.13
CA TYR A 79 37.94 -17.63 -21.63
C TYR A 79 38.29 -18.24 -20.27
N THR A 80 38.77 -17.39 -19.31
CA THR A 80 39.07 -17.82 -17.94
C THR A 80 37.73 -18.00 -17.22
N PRO A 81 37.36 -19.21 -16.77
CA PRO A 81 36.06 -19.37 -16.09
C PRO A 81 36.13 -19.16 -14.57
N ILE A 82 34.96 -19.03 -13.94
CA ILE A 82 34.80 -18.86 -12.50
C ILE A 82 35.18 -20.17 -11.82
N THR A 83 35.94 -20.06 -10.71
CA THR A 83 36.33 -21.14 -9.83
C THR A 83 35.16 -21.19 -8.84
N ASN A 84 34.51 -22.35 -8.75
CA ASN A 84 33.41 -22.58 -7.83
C ASN A 84 33.90 -22.50 -6.37
N VAL A 85 33.20 -21.70 -5.58
CA VAL A 85 33.44 -21.50 -4.14
C VAL A 85 32.16 -22.08 -3.49
N PRO A 86 32.28 -23.19 -2.72
CA PRO A 86 31.07 -23.81 -2.15
C PRO A 86 30.49 -23.03 -0.96
N PRO A 87 29.19 -23.18 -0.62
CA PRO A 87 28.62 -22.35 0.45
C PRO A 87 28.76 -22.88 1.88
N GLU A 88 28.67 -21.93 2.84
CA GLU A 88 28.65 -22.11 4.29
C GLU A 88 27.17 -22.12 4.64
N VAL A 89 26.58 -23.28 4.93
CA VAL A 89 25.16 -23.39 5.25
C VAL A 89 24.90 -23.41 6.80
N THR A 90 23.89 -22.63 7.24
CA THR A 90 23.50 -22.51 8.64
C THR A 90 21.98 -22.52 8.73
N VAL A 91 21.42 -23.41 9.55
CA VAL A 91 19.99 -23.48 9.82
C VAL A 91 19.72 -22.85 11.20
N LEU A 92 18.77 -21.92 11.28
CA LEU A 92 18.43 -21.24 12.52
C LEU A 92 16.96 -20.84 12.52
N THR A 93 16.42 -20.45 13.69
CA THR A 93 15.03 -20.00 13.76
C THR A 93 14.97 -18.47 13.87
N ASN A 94 13.82 -17.89 13.49
CA ASN A 94 13.59 -16.46 13.51
C ASN A 94 13.51 -15.91 14.95
N SER A 95 13.06 -16.74 15.91
CA SER A 95 12.90 -16.39 17.32
C SER A 95 13.10 -17.65 18.18
N PRO A 96 13.27 -17.56 19.53
CA PRO A 96 13.40 -18.80 20.33
C PRO A 96 12.19 -19.69 20.17
N VAL A 97 12.42 -20.99 20.00
CA VAL A 97 11.42 -22.01 19.71
C VAL A 97 10.61 -22.41 20.95
N GLU A 98 9.27 -22.42 20.81
CA GLU A 98 8.32 -22.86 21.83
C GLU A 98 7.34 -23.82 21.16
N LEU A 99 6.94 -24.91 21.84
CA LEU A 99 6.00 -25.90 21.26
C LEU A 99 4.65 -25.29 20.86
N ARG A 100 4.16 -25.61 19.63
CA ARG A 100 2.87 -25.16 19.05
C ARG A 100 2.79 -23.65 18.77
N GLU A 101 3.89 -22.90 18.98
CA GLU A 101 3.93 -21.45 18.73
C GLU A 101 4.56 -21.21 17.36
N PRO A 102 3.80 -20.73 16.33
CA PRO A 102 4.38 -20.58 14.97
C PRO A 102 5.72 -19.84 14.92
N ASN A 103 6.65 -20.37 14.11
CA ASN A 103 7.99 -19.84 13.94
C ASN A 103 8.41 -19.99 12.47
N VAL A 104 9.66 -19.61 12.14
CA VAL A 104 10.21 -19.67 10.78
C VAL A 104 11.59 -20.23 10.85
N LEU A 105 11.86 -21.25 10.04
CA LEU A 105 13.19 -21.85 9.91
C LEU A 105 13.87 -21.12 8.76
N ILE A 106 15.10 -20.68 9.00
CA ILE A 106 15.92 -19.94 8.04
C ILE A 106 17.11 -20.81 7.65
N CYS A 107 17.37 -20.91 6.34
CA CYS A 107 18.54 -21.59 5.81
C CYS A 107 19.44 -20.54 5.24
N PHE A 108 20.50 -20.16 5.98
CA PHE A 108 21.42 -19.14 5.50
C PHE A 108 22.61 -19.76 4.71
N ILE A 109 22.60 -19.61 3.39
CA ILE A 109 23.60 -20.09 2.42
C ILE A 109 24.48 -18.87 2.16
N ASP A 110 25.74 -18.91 2.56
CA ASP A 110 26.68 -17.79 2.52
C ASP A 110 28.04 -18.16 1.87
N LYS A 111 28.80 -17.13 1.40
CA LYS A 111 30.16 -17.24 0.83
C LYS A 111 30.24 -18.21 -0.35
N PHE A 112 29.44 -18.00 -1.40
CA PHE A 112 29.47 -18.88 -2.55
C PHE A 112 29.45 -18.13 -3.84
N THR A 113 29.84 -18.79 -4.95
CA THR A 113 29.89 -18.31 -6.33
C THR A 113 30.08 -19.55 -7.27
N PRO A 114 29.45 -19.63 -8.46
CA PRO A 114 28.56 -18.65 -9.09
C PRO A 114 27.18 -18.55 -8.38
N PRO A 115 26.36 -17.52 -8.71
CA PRO A 115 25.06 -17.43 -8.05
C PRO A 115 24.01 -18.40 -8.62
N VAL A 116 24.20 -19.74 -8.37
CA VAL A 116 23.29 -20.84 -8.77
C VAL A 116 23.32 -21.92 -7.69
N VAL A 117 22.18 -22.08 -6.96
CA VAL A 117 21.96 -23.09 -5.91
C VAL A 117 20.59 -23.74 -6.04
N ASN A 118 20.47 -25.00 -5.58
CA ASN A 118 19.22 -25.70 -5.41
C ASN A 118 19.14 -25.86 -3.88
N VAL A 119 18.10 -25.24 -3.25
CA VAL A 119 17.83 -25.37 -1.82
C VAL A 119 16.47 -26.03 -1.65
N THR A 120 16.44 -27.12 -0.90
CA THR A 120 15.23 -27.88 -0.63
C THR A 120 15.10 -28.08 0.89
N TRP A 121 13.88 -27.88 1.39
CA TRP A 121 13.55 -28.12 2.78
C TRP A 121 12.95 -29.49 2.83
N LEU A 122 13.38 -30.29 3.82
CA LEU A 122 12.87 -31.64 4.02
C LEU A 122 12.26 -31.71 5.41
N ARG A 123 10.97 -32.10 5.48
CA ARG A 123 10.19 -32.32 6.71
C ARG A 123 10.07 -33.84 6.85
N ASN A 124 10.87 -34.41 7.79
CA ASN A 124 10.96 -35.85 8.03
C ASN A 124 11.36 -36.60 6.75
N GLY A 125 12.46 -36.18 6.15
CA GLY A 125 13.00 -36.78 4.94
C GLY A 125 12.33 -36.45 3.61
N LYS A 126 11.07 -36.00 3.62
CA LYS A 126 10.33 -35.69 2.38
C LYS A 126 10.35 -34.17 2.03
N PRO A 127 10.56 -33.79 0.74
CA PRO A 127 10.64 -32.36 0.40
C PRO A 127 9.35 -31.56 0.53
N VAL A 128 9.36 -30.53 1.41
CA VAL A 128 8.22 -29.62 1.65
C VAL A 128 8.32 -28.44 0.68
N THR A 129 7.53 -28.51 -0.41
CA THR A 129 7.47 -27.52 -1.50
C THR A 129 6.31 -26.52 -1.32
N THR A 130 5.77 -26.42 -0.10
CA THR A 130 4.61 -25.57 0.16
C THR A 130 4.83 -24.73 1.43
N GLY A 131 4.54 -23.43 1.31
CA GLY A 131 4.70 -22.46 2.39
C GLY A 131 6.07 -21.77 2.44
N VAL A 132 7.04 -22.33 1.67
CA VAL A 132 8.42 -21.87 1.52
C VAL A 132 8.53 -20.55 0.78
N SER A 133 9.60 -19.79 1.07
CA SER A 133 9.95 -18.53 0.40
C SER A 133 11.49 -18.39 0.39
N GLU A 134 12.02 -17.56 -0.51
CA GLU A 134 13.44 -17.33 -0.66
C GLU A 134 13.76 -15.87 -1.03
N THR A 135 15.03 -15.53 -0.96
CA THR A 135 15.50 -14.20 -1.34
C THR A 135 16.30 -14.44 -2.61
N VAL A 136 16.69 -13.34 -3.27
CA VAL A 136 17.53 -13.40 -4.46
C VAL A 136 18.98 -13.60 -3.97
N PHE A 137 19.96 -13.60 -4.86
CA PHE A 137 21.37 -13.72 -4.52
C PHE A 137 21.83 -12.34 -4.06
N LEU A 138 22.02 -12.18 -2.75
CA LEU A 138 22.43 -10.91 -2.13
C LEU A 138 23.93 -10.72 -2.24
N PRO A 139 24.43 -9.47 -2.47
CA PRO A 139 25.88 -9.30 -2.62
C PRO A 139 26.70 -9.31 -1.34
N ARG A 140 28.02 -9.52 -1.50
CA ARG A 140 28.99 -9.46 -0.43
C ARG A 140 30.19 -8.65 -0.89
N GLU A 141 30.95 -8.11 0.06
CA GLU A 141 32.15 -7.29 -0.19
C GLU A 141 33.30 -8.12 -0.81
N ASP A 142 33.34 -9.44 -0.54
CA ASP A 142 34.35 -10.35 -1.13
C ASP A 142 34.01 -10.78 -2.58
N HIS A 143 32.84 -10.30 -3.08
CA HIS A 143 32.25 -10.46 -4.41
C HIS A 143 31.65 -11.80 -4.61
N LEU A 144 31.28 -12.43 -3.49
CA LEU A 144 30.61 -13.72 -3.42
C LEU A 144 29.18 -13.36 -3.10
N PHE A 145 28.29 -14.39 -2.97
CA PHE A 145 26.87 -14.21 -2.67
C PHE A 145 26.45 -14.82 -1.35
N ARG A 146 25.30 -14.38 -0.85
CA ARG A 146 24.56 -14.91 0.28
C ARG A 146 23.11 -15.02 -0.16
N LYS A 147 22.34 -15.91 0.48
CA LYS A 147 20.94 -16.16 0.13
C LYS A 147 20.26 -16.75 1.40
N PHE A 148 18.94 -16.57 1.50
CA PHE A 148 18.16 -17.07 2.63
C PHE A 148 16.93 -17.76 2.07
N HIS A 149 16.57 -18.91 2.68
CA HIS A 149 15.39 -19.70 2.38
C HIS A 149 14.61 -19.85 3.68
N TYR A 150 13.30 -19.59 3.63
CA TYR A 150 12.43 -19.63 4.80
C TYR A 150 11.37 -20.71 4.75
N LEU A 151 11.10 -21.27 5.93
CA LEU A 151 10.08 -22.29 6.12
C LEU A 151 9.27 -22.01 7.38
N PRO A 152 8.09 -21.37 7.23
CA PRO A 152 7.22 -21.15 8.39
C PRO A 152 6.77 -22.53 8.89
N PHE A 153 6.99 -22.78 10.17
CA PHE A 153 6.63 -24.07 10.75
C PHE A 153 5.95 -23.91 12.14
N LEU A 154 5.40 -25.05 12.63
CA LEU A 154 4.79 -25.14 13.93
C LEU A 154 5.63 -26.07 14.80
N PRO A 155 6.47 -25.52 15.69
CA PRO A 155 7.32 -26.35 16.55
C PRO A 155 6.63 -27.56 17.19
N SER A 156 7.23 -28.76 16.91
CA SER A 156 6.75 -30.09 17.28
C SER A 156 7.83 -30.98 17.91
N THR A 157 7.39 -31.98 18.66
CA THR A 157 8.30 -32.97 19.27
C THR A 157 8.51 -34.13 18.31
N GLU A 158 7.54 -34.38 17.41
CA GLU A 158 7.52 -35.49 16.44
C GLU A 158 7.97 -35.15 15.02
N ASP A 159 8.62 -33.98 14.84
CA ASP A 159 9.12 -33.52 13.54
C ASP A 159 10.59 -33.16 13.53
N VAL A 160 11.25 -33.52 12.40
CA VAL A 160 12.66 -33.25 12.07
C VAL A 160 12.81 -32.52 10.74
N TYR A 161 13.65 -31.48 10.70
CA TYR A 161 13.87 -30.74 9.46
C TYR A 161 15.31 -30.77 9.05
N ASP A 162 15.52 -30.70 7.73
CA ASP A 162 16.80 -30.68 7.04
C ASP A 162 16.75 -29.68 5.89
N CYS A 163 17.86 -28.96 5.67
CA CYS A 163 18.03 -28.04 4.56
C CYS A 163 19.02 -28.70 3.62
N ARG A 164 18.58 -29.04 2.39
CA ARG A 164 19.47 -29.68 1.40
C ARG A 164 19.92 -28.67 0.36
N VAL A 165 21.23 -28.35 0.39
CA VAL A 165 21.86 -27.41 -0.53
C VAL A 165 22.73 -28.14 -1.56
N GLU A 166 22.47 -27.87 -2.85
CA GLU A 166 23.25 -28.40 -3.96
C GLU A 166 23.89 -27.18 -4.67
N HIS A 167 25.21 -27.24 -4.87
CA HIS A 167 26.06 -26.24 -5.50
C HIS A 167 27.20 -26.98 -6.22
N TRP A 168 27.63 -26.48 -7.39
CA TRP A 168 28.70 -27.08 -8.19
C TRP A 168 30.09 -27.14 -7.50
N GLY A 169 30.30 -26.33 -6.45
CA GLY A 169 31.52 -26.32 -5.64
C GLY A 169 31.56 -27.40 -4.59
N LEU A 170 30.43 -28.10 -4.40
CA LEU A 170 30.24 -29.20 -3.44
C LEU A 170 30.25 -30.54 -4.19
N ASP A 171 30.91 -31.57 -3.65
CA ASP A 171 30.91 -32.90 -4.29
C ASP A 171 29.56 -33.60 -4.14
N GLU A 172 29.03 -33.60 -2.90
CA GLU A 172 27.73 -34.15 -2.54
C GLU A 172 26.82 -33.08 -1.89
N PRO A 173 25.45 -33.22 -1.90
CA PRO A 173 24.61 -32.22 -1.23
C PRO A 173 24.96 -31.99 0.24
N LEU A 174 24.85 -30.73 0.68
CA LEU A 174 25.13 -30.37 2.05
C LEU A 174 23.78 -30.38 2.76
N LEU A 175 23.65 -31.21 3.82
CA LEU A 175 22.42 -31.36 4.57
C LEU A 175 22.60 -30.81 5.97
N LYS A 176 21.79 -29.79 6.32
CA LYS A 176 21.86 -29.18 7.64
C LYS A 176 20.57 -29.45 8.40
N HIS A 177 20.71 -30.14 9.55
CA HIS A 177 19.63 -30.60 10.42
C HIS A 177 19.20 -29.60 11.49
N TRP A 178 17.92 -29.70 11.88
CA TRP A 178 17.24 -28.97 12.96
C TRP A 178 16.06 -29.81 13.47
N GLU A 179 15.95 -29.87 14.80
CA GLU A 179 14.87 -30.53 15.54
C GLU A 179 14.74 -29.91 16.94
N PHE A 180 13.53 -29.94 17.51
CA PHE A 180 13.20 -29.38 18.82
C PHE A 180 13.92 -30.15 19.95
N ASP A 181 14.65 -29.44 20.82
CA ASP A 181 15.41 -30.03 21.93
C ASP A 181 14.69 -29.92 23.27
N THR A 182 14.74 -31.02 24.07
CA THR A 182 14.15 -31.17 25.42
C THR A 182 12.62 -31.10 25.33
N ASP B 1 26.55 -30.33 -13.25
CA ASP B 1 26.95 -29.54 -14.40
C ASP B 1 28.39 -29.16 -14.24
N THR B 2 29.18 -29.55 -15.25
CA THR B 2 30.63 -29.38 -15.29
C THR B 2 31.11 -28.30 -16.30
N ARG B 3 30.20 -27.70 -17.10
CA ARG B 3 30.50 -26.69 -18.13
C ARG B 3 31.06 -25.43 -17.47
N PRO B 4 32.01 -24.70 -18.10
CA PRO B 4 32.55 -23.51 -17.43
C PRO B 4 31.55 -22.38 -17.31
N ARG B 5 31.68 -21.57 -16.25
CA ARG B 5 30.84 -20.39 -16.01
C ARG B 5 31.67 -19.12 -16.05
N PHE B 6 31.07 -18.04 -16.57
CA PHE B 6 31.64 -16.71 -16.72
C PHE B 6 30.65 -15.75 -16.10
N LEU B 7 31.09 -15.03 -15.05
CA LEU B 7 30.22 -14.10 -14.31
C LEU B 7 30.73 -12.68 -14.37
N TRP B 8 29.79 -11.72 -14.51
CA TRP B 8 30.02 -10.29 -14.56
C TRP B 8 29.07 -9.59 -13.57
N GLN B 9 29.64 -8.84 -12.63
CA GLN B 9 28.88 -8.08 -11.63
C GLN B 9 29.20 -6.60 -11.76
N LEU B 10 28.18 -5.78 -11.58
CA LEU B 10 28.26 -4.32 -11.58
C LEU B 10 27.58 -3.82 -10.30
N LYS B 11 28.33 -3.03 -9.50
CA LYS B 11 27.89 -2.55 -8.21
C LYS B 11 28.06 -1.07 -8.05
N PHE B 12 26.99 -0.36 -7.64
CA PHE B 12 27.08 1.07 -7.33
C PHE B 12 26.77 1.14 -5.86
N GLU B 13 27.76 1.54 -5.08
CA GLU B 13 27.68 1.61 -3.63
C GLU B 13 27.63 3.05 -3.22
N CYS B 14 26.55 3.48 -2.56
CA CYS B 14 26.39 4.83 -2.03
C CYS B 14 26.63 4.75 -0.53
N HIS B 15 27.74 5.33 -0.03
CA HIS B 15 28.12 5.28 1.40
C HIS B 15 27.82 6.64 2.01
N PHE B 16 26.95 6.66 3.07
CA PHE B 16 26.49 7.90 3.73
C PHE B 16 27.01 7.99 5.16
N PHE B 17 27.66 9.15 5.48
CA PHE B 17 28.26 9.47 6.78
C PHE B 17 27.57 10.75 7.28
N ASN B 18 27.06 10.75 8.53
CA ASN B 18 26.32 11.89 9.15
C ASN B 18 25.16 12.31 8.25
N GLY B 19 24.20 11.42 8.07
CA GLY B 19 23.06 11.66 7.19
C GLY B 19 23.54 11.68 5.76
N THR B 20 23.34 12.82 5.09
CA THR B 20 23.80 13.05 3.72
C THR B 20 24.85 14.17 3.69
N GLU B 21 25.54 14.43 4.84
CA GLU B 21 26.63 15.41 4.99
C GLU B 21 27.76 15.01 4.03
N ARG B 22 28.36 13.83 4.25
CA ARG B 22 29.40 13.24 3.44
C ARG B 22 28.79 12.03 2.74
N VAL B 23 28.98 11.94 1.42
CA VAL B 23 28.50 10.84 0.58
C VAL B 23 29.66 10.38 -0.35
N ARG B 24 29.73 9.07 -0.60
CA ARG B 24 30.74 8.50 -1.48
C ARG B 24 30.11 7.41 -2.39
N LEU B 25 30.35 7.54 -3.70
CA LEU B 25 29.89 6.59 -4.72
C LEU B 25 31.06 5.71 -5.11
N LEU B 26 30.80 4.41 -5.29
CA LEU B 26 31.80 3.42 -5.66
C LEU B 26 31.23 2.50 -6.73
N GLU B 27 31.65 2.72 -7.98
CA GLU B 27 31.23 1.89 -9.10
C GLU B 27 32.31 0.81 -9.31
N ARG B 28 31.93 -0.45 -9.12
CA ARG B 28 32.85 -1.57 -9.21
C ARG B 28 32.37 -2.58 -10.25
N CYS B 29 33.28 -2.99 -11.12
CA CYS B 29 33.02 -3.99 -12.15
C CYS B 29 33.82 -5.21 -11.71
N ILE B 30 33.15 -6.37 -11.60
CA ILE B 30 33.77 -7.61 -11.12
C ILE B 30 33.61 -8.71 -12.16
N TYR B 31 34.77 -9.21 -12.65
CA TYR B 31 34.77 -10.33 -13.55
C TYR B 31 35.12 -11.54 -12.71
N ASN B 32 34.17 -12.49 -12.65
CA ASN B 32 34.22 -13.72 -11.87
C ASN B 32 34.25 -13.38 -10.35
N GLN B 33 35.44 -13.29 -9.73
CA GLN B 33 35.54 -12.91 -8.31
C GLN B 33 36.55 -11.79 -8.07
N GLU B 34 37.16 -11.32 -9.18
CA GLU B 34 38.17 -10.26 -9.21
C GLU B 34 37.57 -8.97 -9.76
N GLU B 35 37.59 -7.91 -8.94
CA GLU B 35 37.20 -6.57 -9.32
C GLU B 35 38.31 -6.08 -10.24
N SER B 36 37.95 -5.61 -11.46
CA SER B 36 38.91 -5.17 -12.47
C SER B 36 39.10 -3.66 -12.58
N VAL B 37 38.00 -2.90 -12.45
CA VAL B 37 37.96 -1.44 -12.61
C VAL B 37 36.96 -0.84 -11.66
N ARG B 38 37.11 0.46 -11.36
CA ARG B 38 36.21 1.17 -10.45
C ARG B 38 36.21 2.68 -10.59
N PHE B 39 35.10 3.33 -10.19
CA PHE B 39 34.97 4.78 -10.12
C PHE B 39 34.66 5.07 -8.67
N ASP B 40 35.57 5.82 -8.00
CA ASP B 40 35.41 6.27 -6.63
C ASP B 40 35.22 7.79 -6.73
N SER B 41 34.10 8.32 -6.18
CA SER B 41 33.80 9.75 -6.24
C SER B 41 34.87 10.61 -5.52
N ASP B 42 35.57 10.03 -4.53
CA ASP B 42 36.66 10.69 -3.80
C ASP B 42 37.93 10.86 -4.68
N VAL B 43 38.04 10.06 -5.76
CA VAL B 43 39.15 10.08 -6.72
C VAL B 43 38.75 10.93 -7.94
N GLY B 44 37.55 10.70 -8.49
CA GLY B 44 37.04 11.47 -9.60
C GLY B 44 37.23 10.88 -10.98
N GLU B 45 37.93 9.72 -11.04
CA GLU B 45 38.14 9.03 -12.32
C GLU B 45 38.16 7.55 -12.17
N TYR B 46 37.95 6.85 -13.32
CA TYR B 46 38.03 5.37 -13.39
C TYR B 46 39.46 4.90 -13.18
N ARG B 47 39.62 3.88 -12.36
CA ARG B 47 40.91 3.32 -12.03
C ARG B 47 40.85 1.82 -12.21
N ALA B 48 41.85 1.23 -12.92
CA ALA B 48 41.93 -0.21 -13.10
C ALA B 48 42.51 -0.82 -11.83
N VAL B 49 41.91 -1.90 -11.36
CA VAL B 49 42.28 -2.65 -10.17
C VAL B 49 43.17 -3.85 -10.60
N THR B 50 42.87 -4.45 -11.78
CA THR B 50 43.57 -5.58 -12.37
C THR B 50 43.93 -5.18 -13.81
N GLU B 51 44.72 -6.00 -14.50
CA GLU B 51 45.14 -5.77 -15.87
C GLU B 51 43.95 -5.80 -16.85
N LEU B 52 42.96 -6.65 -16.52
CA LEU B 52 41.74 -6.87 -17.29
C LEU B 52 40.92 -5.58 -17.39
N GLY B 53 41.02 -4.72 -16.35
CA GLY B 53 40.30 -3.45 -16.22
C GLY B 53 40.91 -2.27 -16.92
N ARG B 54 42.17 -2.37 -17.34
CA ARG B 54 42.93 -1.28 -17.97
C ARG B 54 42.28 -0.73 -19.27
N PRO B 55 41.77 -1.55 -20.25
CA PRO B 55 41.12 -0.95 -21.44
C PRO B 55 39.88 -0.09 -21.11
N ASP B 56 39.09 -0.51 -20.06
CA ASP B 56 37.87 0.14 -19.57
C ASP B 56 38.15 1.47 -18.86
N ALA B 57 39.11 1.50 -17.90
CA ALA B 57 39.46 2.73 -17.19
C ALA B 57 39.90 3.78 -18.19
N GLU B 58 40.69 3.37 -19.21
CA GLU B 58 41.20 4.17 -20.33
C GLU B 58 40.04 4.63 -21.22
N TYR B 59 39.15 3.72 -21.61
CA TYR B 59 38.00 4.02 -22.46
C TYR B 59 36.99 4.97 -21.82
N TRP B 60 36.57 4.68 -20.57
CA TRP B 60 35.57 5.45 -19.82
C TRP B 60 36.07 6.83 -19.40
N ASN B 61 37.40 6.95 -19.14
CA ASN B 61 37.98 8.23 -18.77
C ASN B 61 38.09 9.18 -19.95
N SER B 62 38.03 8.64 -21.19
CA SER B 62 38.14 9.42 -22.42
C SER B 62 36.79 10.07 -22.82
N GLN B 63 35.72 9.75 -22.07
CA GLN B 63 34.36 10.20 -22.30
C GLN B 63 33.98 11.20 -21.24
N LYS B 64 34.17 12.50 -21.55
CA LYS B 64 33.94 13.61 -20.64
C LYS B 64 32.52 13.64 -20.02
N ASP B 65 31.46 13.35 -20.82
CA ASP B 65 30.06 13.31 -20.35
C ASP B 65 29.88 12.29 -19.24
N LEU B 66 30.64 11.15 -19.28
CA LEU B 66 30.62 10.06 -18.28
C LEU B 66 31.15 10.57 -16.97
N LEU B 67 32.33 11.14 -17.01
CA LEU B 67 33.03 11.70 -15.85
C LEU B 67 32.22 12.86 -15.28
N GLU B 68 31.55 13.66 -16.13
CA GLU B 68 30.65 14.74 -15.71
C GLU B 68 29.43 14.19 -14.93
N GLN B 69 28.75 13.18 -15.53
CA GLN B 69 27.58 12.51 -15.01
C GLN B 69 27.86 11.79 -13.70
N ARG B 70 29.01 11.07 -13.61
CA ARG B 70 29.42 10.27 -12.46
C ARG B 70 29.92 11.17 -11.28
N ARG B 71 30.44 12.40 -11.60
CA ARG B 71 30.98 13.31 -10.57
C ARG B 71 29.86 13.99 -9.81
N ALA B 72 28.70 14.08 -10.45
CA ALA B 72 27.48 14.69 -9.95
C ALA B 72 26.54 13.65 -9.30
N ALA B 73 26.75 12.33 -9.60
CA ALA B 73 25.90 11.24 -9.12
C ALA B 73 25.74 11.19 -7.62
N VAL B 74 26.68 11.75 -6.81
CA VAL B 74 26.54 11.74 -5.34
C VAL B 74 25.32 12.57 -4.93
N ASP B 75 24.93 13.54 -5.77
CA ASP B 75 23.75 14.37 -5.55
C ASP B 75 22.55 13.84 -6.32
N THR B 76 22.70 13.56 -7.64
CA THR B 76 21.60 13.12 -8.50
C THR B 76 21.08 11.73 -8.19
N TYR B 77 21.96 10.84 -7.76
CA TYR B 77 21.63 9.45 -7.52
C TYR B 77 21.70 9.08 -6.04
N CYS B 78 22.86 9.19 -5.39
CA CYS B 78 23.02 8.82 -3.98
C CYS B 78 22.08 9.58 -3.05
N ARG B 79 22.15 10.92 -3.02
CA ARG B 79 21.29 11.75 -2.15
C ARG B 79 19.81 11.60 -2.52
N HIS B 80 19.51 11.46 -3.84
CA HIS B 80 18.15 11.25 -4.29
C HIS B 80 17.59 9.95 -3.72
N ASN B 81 18.21 8.80 -4.06
CA ASN B 81 17.76 7.45 -3.66
C ASN B 81 17.63 7.26 -2.17
N TYR B 82 18.42 8.03 -1.34
CA TYR B 82 18.40 7.98 0.13
C TYR B 82 17.10 8.66 0.61
N GLY B 83 16.74 9.79 0.00
CA GLY B 83 15.47 10.47 0.28
C GLY B 83 14.25 9.65 -0.12
N VAL B 84 14.31 8.94 -1.27
CA VAL B 84 13.22 8.09 -1.82
C VAL B 84 12.71 7.06 -0.79
N GLY B 85 13.61 6.49 -0.01
CA GLY B 85 13.24 5.49 0.97
C GLY B 85 13.56 5.78 2.43
N GLU B 86 13.91 7.02 2.78
CA GLU B 86 14.25 7.40 4.15
C GLU B 86 13.22 6.98 5.25
N SER B 87 11.93 7.21 5.02
CA SER B 87 10.86 6.89 5.98
C SER B 87 10.75 5.40 6.36
N PHE B 88 11.12 4.47 5.46
CA PHE B 88 11.02 3.02 5.70
C PHE B 88 12.37 2.30 5.79
N THR B 89 13.49 3.02 5.63
CA THR B 89 14.83 2.48 5.72
C THR B 89 15.52 3.12 6.93
N VAL B 90 16.10 4.33 6.78
CA VAL B 90 16.77 5.12 7.83
C VAL B 90 15.86 5.27 9.08
N GLN B 91 14.55 5.53 8.84
CA GLN B 91 13.56 5.77 9.88
C GLN B 91 12.76 4.55 10.33
N ARG B 92 13.16 3.34 9.90
CA ARG B 92 12.49 2.10 10.28
C ARG B 92 12.90 1.72 11.71
N ARG B 93 11.90 1.47 12.57
CA ARG B 93 12.11 1.10 13.97
C ARG B 93 11.16 -0.03 14.28
N VAL B 94 11.70 -1.21 14.62
CA VAL B 94 10.94 -2.39 15.01
C VAL B 94 11.45 -2.76 16.42
N GLU B 95 10.54 -2.77 17.39
CA GLU B 95 10.86 -3.09 18.78
C GLU B 95 11.23 -4.57 18.96
N PRO B 96 12.36 -4.82 19.66
CA PRO B 96 12.78 -6.21 19.90
C PRO B 96 11.93 -6.93 20.95
N LYS B 97 11.81 -8.25 20.80
CA LYS B 97 11.14 -9.14 21.74
C LYS B 97 12.26 -9.78 22.62
N VAL B 98 12.39 -9.36 23.89
CA VAL B 98 13.41 -9.85 24.84
C VAL B 98 12.89 -11.00 25.71
N THR B 99 13.66 -12.11 25.76
CA THR B 99 13.40 -13.37 26.46
C THR B 99 14.67 -13.89 27.18
N VAL B 100 14.57 -14.17 28.51
CA VAL B 100 15.64 -14.74 29.34
C VAL B 100 15.27 -16.18 29.69
N TYR B 101 16.21 -17.12 29.45
CA TYR B 101 16.02 -18.54 29.72
C TYR B 101 17.35 -19.26 30.02
N PRO B 102 17.39 -20.27 30.92
CA PRO B 102 18.66 -21.01 31.13
C PRO B 102 18.89 -22.11 30.08
N SER B 103 20.14 -22.24 29.59
CA SER B 103 20.51 -23.29 28.65
C SER B 103 21.88 -23.86 28.99
N LYS B 104 21.85 -24.95 29.77
CA LYS B 104 22.98 -25.70 30.30
C LYS B 104 23.64 -26.55 29.22
N ASN B 112 26.72 -24.61 32.60
CA ASN B 112 25.53 -23.80 32.85
C ASN B 112 25.63 -22.36 32.26
N LEU B 113 24.68 -22.02 31.34
CA LEU B 113 24.58 -20.73 30.67
C LEU B 113 23.20 -20.13 30.87
N LEU B 114 23.15 -18.79 30.99
CA LEU B 114 21.90 -18.04 31.06
C LEU B 114 21.79 -17.23 29.76
N VAL B 115 20.80 -17.56 28.90
CA VAL B 115 20.61 -16.95 27.58
C VAL B 115 19.65 -15.74 27.57
N CYS B 116 20.05 -14.66 26.87
CA CYS B 116 19.20 -13.51 26.62
C CYS B 116 18.98 -13.38 25.12
N SER B 117 17.79 -13.79 24.67
CA SER B 117 17.37 -13.75 23.29
C SER B 117 16.70 -12.41 22.99
N VAL B 118 17.26 -11.67 22.04
CA VAL B 118 16.74 -10.36 21.61
C VAL B 118 16.37 -10.52 20.12
N SER B 119 15.08 -10.60 19.78
CA SER B 119 14.71 -10.87 18.39
C SER B 119 13.71 -9.89 17.77
N GLY B 120 13.69 -9.92 16.43
CA GLY B 120 12.81 -9.19 15.54
C GLY B 120 12.95 -7.69 15.57
N PHE B 121 14.16 -7.16 15.80
CA PHE B 121 14.42 -5.71 15.87
C PHE B 121 15.07 -5.06 14.63
N TYR B 122 14.86 -3.75 14.50
CA TYR B 122 15.42 -2.90 13.46
C TYR B 122 15.60 -1.45 13.97
N PRO B 123 16.75 -0.76 13.82
CA PRO B 123 18.01 -1.18 13.17
C PRO B 123 18.90 -2.15 13.98
N GLY B 124 20.03 -2.57 13.40
CA GLY B 124 20.99 -3.47 14.02
C GLY B 124 21.74 -2.92 15.22
N SER B 125 21.66 -1.59 15.43
CA SER B 125 22.32 -0.92 16.55
C SER B 125 21.59 -1.23 17.87
N ILE B 126 22.17 -2.17 18.64
CA ILE B 126 21.65 -2.64 19.93
C ILE B 126 22.75 -2.79 20.99
N GLU B 127 22.37 -2.59 22.26
CA GLU B 127 23.20 -2.77 23.45
C GLU B 127 22.44 -3.69 24.40
N VAL B 128 23.11 -4.79 24.82
CA VAL B 128 22.59 -5.79 25.76
C VAL B 128 23.53 -5.89 27.00
N ARG B 129 23.02 -5.54 28.19
CA ARG B 129 23.79 -5.59 29.44
C ARG B 129 23.24 -6.62 30.42
N TRP B 130 24.09 -7.51 30.95
CA TRP B 130 23.69 -8.52 31.95
C TRP B 130 24.00 -7.98 33.34
N PHE B 131 23.11 -8.30 34.30
CA PHE B 131 23.21 -7.91 35.71
C PHE B 131 22.93 -9.08 36.64
N ARG B 132 23.70 -9.14 37.74
CA ARG B 132 23.57 -10.13 38.80
C ARG B 132 23.31 -9.32 40.07
N ASN B 133 22.08 -9.47 40.62
CA ASN B 133 21.57 -8.77 41.81
C ASN B 133 21.82 -7.23 41.74
N GLY B 134 21.45 -6.64 40.60
CA GLY B 134 21.61 -5.20 40.37
C GLY B 134 22.99 -4.71 39.96
N GLN B 135 23.97 -5.62 39.83
CA GLN B 135 25.33 -5.25 39.44
C GLN B 135 25.70 -5.83 38.07
N GLU B 136 26.26 -4.99 37.17
CA GLU B 136 26.69 -5.38 35.83
C GLU B 136 27.80 -6.45 35.80
N GLU B 137 27.54 -7.57 35.08
CA GLU B 137 28.45 -8.72 34.91
C GLU B 137 29.02 -8.72 33.49
N LYS B 138 30.16 -8.04 33.25
CA LYS B 138 30.78 -7.88 31.93
C LYS B 138 31.59 -9.11 31.49
N ALA B 139 32.17 -9.80 32.48
CA ALA B 139 33.01 -10.99 32.27
C ALA B 139 32.17 -12.28 32.20
N GLY B 140 32.57 -13.16 31.31
CA GLY B 140 31.86 -14.42 31.08
C GLY B 140 30.63 -14.23 30.20
N VAL B 141 30.59 -13.10 29.44
CA VAL B 141 29.52 -12.72 28.50
C VAL B 141 29.99 -13.06 27.07
N VAL B 142 29.20 -13.90 26.36
CA VAL B 142 29.53 -14.33 25.00
C VAL B 142 28.28 -14.19 24.10
N SER B 143 28.40 -13.38 23.03
CA SER B 143 27.34 -13.13 22.07
C SER B 143 27.56 -13.89 20.77
N THR B 144 26.46 -14.18 20.04
CA THR B 144 26.45 -14.80 18.71
C THR B 144 26.79 -13.70 17.69
N GLY B 145 26.73 -12.46 18.15
CA GLY B 145 26.87 -11.28 17.32
C GLY B 145 25.50 -10.96 16.75
N LEU B 146 25.46 -9.96 15.87
CA LEU B 146 24.25 -9.51 15.21
C LEU B 146 23.90 -10.44 14.02
N ILE B 147 22.74 -11.12 14.10
CA ILE B 147 22.27 -12.01 13.05
C ILE B 147 21.18 -11.26 12.27
N GLN B 148 21.40 -11.01 10.97
CA GLN B 148 20.49 -10.39 10.03
C GLN B 148 19.69 -11.53 9.43
N ASN B 149 18.36 -11.54 9.65
CA ASN B 149 17.50 -12.64 9.18
C ASN B 149 17.03 -12.53 7.72
N GLY B 150 17.43 -11.48 7.04
CA GLY B 150 17.14 -11.26 5.63
C GLY B 150 15.76 -10.72 5.28
N ASP B 151 14.91 -10.45 6.31
CA ASP B 151 13.56 -9.93 6.18
C ASP B 151 13.39 -8.59 6.86
N TRP B 152 14.47 -7.81 7.03
CA TRP B 152 14.50 -6.47 7.67
C TRP B 152 14.31 -6.54 9.19
N THR B 153 14.84 -7.63 9.81
CA THR B 153 14.87 -7.81 11.27
C THR B 153 16.15 -8.47 11.63
N PHE B 154 16.59 -8.26 12.86
CA PHE B 154 17.82 -8.80 13.38
C PHE B 154 17.48 -9.63 14.60
N GLN B 155 18.47 -10.35 15.09
CA GLN B 155 18.40 -11.12 16.31
C GLN B 155 19.80 -11.23 16.88
N THR B 156 19.89 -11.40 18.18
CA THR B 156 21.15 -11.57 18.91
C THR B 156 20.89 -12.44 20.12
N LEU B 157 21.88 -13.24 20.50
CA LEU B 157 21.80 -14.08 21.67
C LEU B 157 23.01 -13.76 22.52
N VAL B 158 22.76 -13.26 23.74
CA VAL B 158 23.79 -12.82 24.67
C VAL B 158 23.78 -13.73 25.89
N MET B 159 24.74 -14.68 25.92
CA MET B 159 24.91 -15.68 26.98
C MET B 159 25.74 -15.20 28.14
N LEU B 160 25.39 -15.69 29.34
CA LEU B 160 26.12 -15.44 30.58
C LEU B 160 26.53 -16.79 31.16
N GLU B 161 27.86 -17.00 31.23
CA GLU B 161 28.46 -18.20 31.81
C GLU B 161 28.33 -18.02 33.33
N THR B 162 27.39 -18.77 33.92
CA THR B 162 27.07 -18.72 35.34
C THR B 162 26.38 -19.98 35.82
N VAL B 163 26.70 -20.42 37.06
CA VAL B 163 26.08 -21.54 37.73
C VAL B 163 25.21 -20.85 38.81
N PRO B 164 23.91 -20.57 38.50
CA PRO B 164 23.08 -19.78 39.43
C PRO B 164 22.81 -20.41 40.79
N ARG B 165 23.00 -19.60 41.84
CA ARG B 165 22.75 -19.94 43.24
C ARG B 165 21.30 -19.51 43.52
N SER B 166 20.57 -20.24 44.37
CA SER B 166 19.17 -19.95 44.70
C SER B 166 18.99 -18.57 45.34
N GLY B 167 17.95 -17.85 44.91
CA GLY B 167 17.65 -16.52 45.39
C GLY B 167 18.27 -15.41 44.57
N GLU B 168 19.30 -15.77 43.74
CA GLU B 168 20.03 -14.86 42.83
C GLU B 168 19.12 -14.40 41.68
N VAL B 169 18.96 -13.06 41.53
CA VAL B 169 18.14 -12.48 40.46
C VAL B 169 19.02 -11.96 39.29
N TYR B 170 18.87 -12.56 38.10
CA TYR B 170 19.58 -12.14 36.90
C TYR B 170 18.71 -11.22 36.06
N THR B 171 19.33 -10.18 35.48
CA THR B 171 18.65 -9.15 34.69
C THR B 171 19.34 -8.90 33.36
N CYS B 172 18.55 -8.96 32.26
CA CYS B 172 19.04 -8.64 30.93
C CYS B 172 18.45 -7.29 30.57
N GLN B 173 19.32 -6.30 30.34
CA GLN B 173 18.91 -4.94 29.97
C GLN B 173 19.25 -4.68 28.49
N VAL B 174 18.23 -4.34 27.69
CA VAL B 174 18.37 -4.09 26.25
C VAL B 174 18.06 -2.61 25.95
N GLU B 175 18.94 -1.95 25.18
CA GLU B 175 18.80 -0.57 24.75
C GLU B 175 18.83 -0.51 23.22
N HIS B 176 17.82 0.14 22.64
CA HIS B 176 17.62 0.20 21.20
C HIS B 176 16.96 1.51 20.76
N PRO B 177 17.21 2.00 19.51
CA PRO B 177 16.52 3.20 19.04
C PRO B 177 14.99 3.10 19.09
N SER B 178 14.41 1.89 18.97
CA SER B 178 12.95 1.69 19.00
C SER B 178 12.26 2.13 20.32
N VAL B 179 12.95 1.99 21.46
CA VAL B 179 12.40 2.30 22.78
C VAL B 179 12.96 3.58 23.40
N THR B 180 12.12 4.29 24.16
CA THR B 180 12.46 5.52 24.90
C THR B 180 13.37 5.19 26.12
N SER B 181 13.02 4.11 26.87
CA SER B 181 13.73 3.60 28.05
C SER B 181 14.14 2.11 27.86
N PRO B 182 15.19 1.59 28.56
CA PRO B 182 15.62 0.20 28.33
C PRO B 182 14.61 -0.90 28.65
N LEU B 183 14.65 -1.99 27.88
CA LEU B 183 13.80 -3.15 28.11
C LEU B 183 14.52 -4.04 29.12
N THR B 184 13.82 -4.41 30.19
CA THR B 184 14.40 -5.22 31.26
C THR B 184 13.60 -6.53 31.39
N VAL B 185 14.32 -7.67 31.39
CA VAL B 185 13.75 -9.01 31.57
C VAL B 185 14.50 -9.66 32.74
N GLU B 186 13.74 -10.08 33.78
CA GLU B 186 14.25 -10.70 35.01
C GLU B 186 14.16 -12.23 34.99
N TRP B 187 15.08 -12.89 35.72
CA TRP B 187 15.11 -14.34 35.87
C TRP B 187 15.63 -14.71 37.26
N ARG B 188 14.77 -15.34 38.10
CA ARG B 188 15.14 -15.73 39.47
C ARG B 188 15.44 -17.23 39.58
N ALA B 189 16.58 -17.57 40.22
CA ALA B 189 17.07 -18.96 40.38
C ALA B 189 16.34 -19.74 41.49
N ARG C 1 8.11 8.75 -4.28
CA ARG C 1 9.24 9.10 -5.09
C ARG C 1 9.80 7.86 -5.78
N PHE C 2 10.51 8.03 -6.91
CA PHE C 2 11.09 6.91 -7.72
C PHE C 2 12.57 6.66 -7.47
N TYR C 3 12.96 5.39 -7.36
CA TYR C 3 14.36 5.00 -7.23
C TYR C 3 14.98 5.18 -8.60
N LYS C 4 16.18 5.77 -8.64
CA LYS C 4 16.97 6.03 -9.82
C LYS C 4 17.91 4.84 -10.09
N THR C 5 18.07 4.54 -11.37
CA THR C 5 18.99 3.54 -11.86
C THR C 5 20.19 4.28 -12.41
N LEU C 6 21.41 3.85 -12.04
CA LEU C 6 22.65 4.40 -12.60
C LEU C 6 22.89 3.47 -13.77
N ARG C 7 23.02 4.07 -14.95
CA ARG C 7 23.16 3.42 -16.24
C ARG C 7 24.52 2.73 -16.37
N ALA C 8 24.50 1.46 -16.77
CA ALA C 8 25.71 0.66 -17.03
C ALA C 8 26.36 1.26 -18.25
N GLU C 9 27.65 1.12 -18.36
CA GLU C 9 28.35 1.70 -19.49
C GLU C 9 28.99 0.58 -20.30
N GLN C 10 28.90 0.69 -21.64
CA GLN C 10 29.46 -0.23 -22.61
C GLN C 10 30.98 -0.25 -22.42
N ALA C 11 31.58 -1.45 -22.30
CA ALA C 11 33.02 -1.64 -22.11
C ALA C 11 33.81 -1.53 -23.40
N SER C 12 35.15 -1.44 -23.28
CA SER C 12 36.08 -1.37 -24.40
C SER C 12 35.98 -2.64 -25.21
N GLN C 13 35.72 -2.49 -26.52
CA GLN C 13 35.54 -3.60 -27.46
C GLN C 13 36.91 -4.04 -27.96
N ILE D 1 -22.21 21.91 -13.82
CA ILE D 1 -20.85 21.37 -13.83
C ILE D 1 -20.29 21.19 -15.27
N LYS D 2 -18.94 21.07 -15.39
CA LYS D 2 -18.24 20.90 -16.67
C LYS D 2 -18.21 19.40 -17.05
N GLU D 3 -17.56 19.04 -18.18
CA GLU D 3 -17.49 17.60 -18.50
C GLU D 3 -16.37 16.87 -17.70
N GLU D 4 -16.21 15.60 -17.99
CA GLU D 4 -15.22 14.76 -17.35
C GLU D 4 -14.35 14.13 -18.43
N HIS D 5 -14.96 13.31 -19.33
CA HIS D 5 -14.26 12.55 -20.36
C HIS D 5 -14.92 12.61 -21.74
N VAL D 6 -14.08 12.41 -22.77
CA VAL D 6 -14.49 12.35 -24.17
C VAL D 6 -13.77 11.18 -24.85
N ILE D 7 -14.55 10.25 -25.41
CA ILE D 7 -14.10 9.12 -26.20
C ILE D 7 -14.50 9.44 -27.68
N ILE D 8 -13.51 9.44 -28.58
CA ILE D 8 -13.74 9.74 -30.00
C ILE D 8 -13.31 8.60 -30.89
N GLN D 9 -14.25 8.12 -31.70
CA GLN D 9 -14.02 7.16 -32.75
C GLN D 9 -13.85 8.06 -34.00
N ALA D 10 -12.61 8.26 -34.42
CA ALA D 10 -12.33 9.15 -35.56
C ALA D 10 -11.77 8.35 -36.72
N GLU D 11 -12.30 8.62 -37.91
CA GLU D 11 -11.91 8.00 -39.16
C GLU D 11 -11.80 9.07 -40.23
N PHE D 12 -10.96 8.83 -41.23
CA PHE D 12 -10.81 9.69 -42.38
C PHE D 12 -10.48 8.91 -43.62
N TYR D 13 -10.78 9.50 -44.78
CA TYR D 13 -10.39 8.99 -46.08
C TYR D 13 -9.92 10.17 -46.89
N LEU D 14 -8.77 10.02 -47.56
CA LEU D 14 -8.15 11.07 -48.38
C LEU D 14 -7.86 10.58 -49.82
N ASN D 15 -8.27 11.37 -50.81
CA ASN D 15 -8.05 11.16 -52.25
C ASN D 15 -7.21 12.32 -52.78
N PRO D 16 -6.31 12.13 -53.80
CA PRO D 16 -6.03 10.92 -54.59
C PRO D 16 -5.15 9.87 -53.90
N ASP D 17 -4.60 10.21 -52.71
CA ASP D 17 -3.71 9.37 -51.91
C ASP D 17 -4.23 7.99 -51.59
N GLN D 18 -5.56 7.84 -51.48
CA GLN D 18 -6.23 6.59 -51.13
C GLN D 18 -5.73 6.08 -49.77
N SER D 19 -5.56 7.02 -48.82
CA SER D 19 -5.12 6.69 -47.48
C SER D 19 -6.19 7.01 -46.47
N GLY D 20 -6.63 5.97 -45.79
CA GLY D 20 -7.65 5.98 -44.74
C GLY D 20 -7.07 5.75 -43.35
N GLU D 21 -7.90 5.96 -42.33
CA GLU D 21 -7.51 5.81 -40.93
C GLU D 21 -8.72 5.61 -40.06
N PHE D 22 -8.60 4.74 -39.05
CA PHE D 22 -9.62 4.46 -38.05
C PHE D 22 -8.91 4.41 -36.70
N MET D 23 -9.38 5.18 -35.71
CA MET D 23 -8.75 5.18 -34.38
C MET D 23 -9.69 5.65 -33.29
N PHE D 24 -9.47 5.18 -32.07
CA PHE D 24 -10.23 5.57 -30.90
C PHE D 24 -9.34 6.36 -29.98
N ASP D 25 -9.89 7.43 -29.43
CA ASP D 25 -9.20 8.39 -28.59
C ASP D 25 -9.92 8.54 -27.25
N PHE D 26 -9.19 8.72 -26.15
CA PHE D 26 -9.76 9.00 -24.83
C PHE D 26 -9.04 10.23 -24.30
N ASP D 27 -9.79 11.36 -24.13
CA ASP D 27 -9.26 12.66 -23.65
C ASP D 27 -7.99 13.10 -24.34
N GLY D 28 -7.91 12.89 -25.64
CA GLY D 28 -6.80 13.35 -26.47
C GLY D 28 -5.81 12.30 -26.89
N ASP D 29 -5.70 11.22 -26.07
CA ASP D 29 -4.75 10.13 -26.22
C ASP D 29 -5.38 8.94 -26.95
N GLU D 30 -4.66 8.43 -27.97
CA GLU D 30 -5.09 7.28 -28.79
C GLU D 30 -5.18 6.00 -27.96
N ILE D 31 -6.32 5.30 -27.99
CA ILE D 31 -6.48 3.99 -27.32
C ILE D 31 -5.86 2.94 -28.30
N PHE D 32 -6.36 2.93 -29.55
CA PHE D 32 -5.89 2.05 -30.61
C PHE D 32 -6.23 2.66 -31.94
N HIS D 33 -5.65 2.07 -32.99
CA HIS D 33 -5.93 2.38 -34.39
C HIS D 33 -5.98 1.06 -35.16
N VAL D 34 -6.64 1.07 -36.32
CA VAL D 34 -6.67 -0.11 -37.17
C VAL D 34 -5.60 0.13 -38.23
N ASP D 35 -4.65 -0.86 -38.37
CA ASP D 35 -3.61 -0.86 -39.40
C ASP D 35 -4.36 -1.32 -40.69
N MET D 36 -4.39 -0.44 -41.70
CA MET D 36 -5.11 -0.70 -42.95
C MET D 36 -4.45 -1.79 -43.79
N ALA D 37 -3.08 -1.85 -43.80
CA ALA D 37 -2.30 -2.86 -44.53
C ALA D 37 -2.48 -4.26 -43.93
N LYS D 38 -2.14 -4.40 -42.64
CA LYS D 38 -2.24 -5.65 -41.89
C LYS D 38 -3.67 -6.03 -41.52
N LYS D 39 -4.63 -5.08 -41.60
CA LYS D 39 -6.06 -5.27 -41.27
C LYS D 39 -6.28 -5.80 -39.81
N GLU D 40 -5.42 -5.37 -38.86
CA GLU D 40 -5.39 -5.73 -37.44
C GLU D 40 -5.39 -4.46 -36.57
N THR D 41 -5.74 -4.64 -35.27
CA THR D 41 -5.78 -3.62 -34.21
C THR D 41 -4.40 -3.39 -33.61
N VAL D 42 -3.96 -2.12 -33.59
CA VAL D 42 -2.69 -1.72 -32.99
C VAL D 42 -3.01 -0.89 -31.75
N TRP D 43 -2.84 -1.48 -30.55
CA TRP D 43 -3.07 -0.82 -29.26
C TRP D 43 -1.92 0.15 -28.98
N ARG D 44 -2.23 1.38 -28.48
CA ARG D 44 -1.23 2.42 -28.16
C ARG D 44 -0.24 1.96 -27.08
N LEU D 45 -0.75 1.31 -26.02
CA LEU D 45 0.05 0.71 -24.99
C LEU D 45 -0.35 -0.78 -24.99
N GLU D 46 0.61 -1.72 -24.78
CA GLU D 46 0.33 -3.16 -24.81
C GLU D 46 -0.74 -3.56 -23.74
N GLU D 47 -0.76 -2.92 -22.55
CA GLU D 47 -1.74 -3.15 -21.46
C GLU D 47 -3.17 -3.19 -21.98
N PHE D 48 -3.47 -2.21 -22.84
CA PHE D 48 -4.78 -2.05 -23.44
C PHE D 48 -5.24 -3.33 -24.13
N GLY D 49 -4.32 -4.00 -24.83
CA GLY D 49 -4.56 -5.27 -25.55
C GLY D 49 -4.86 -6.47 -24.66
N ARG D 50 -4.41 -6.42 -23.40
CA ARG D 50 -4.66 -7.47 -22.42
C ARG D 50 -5.96 -7.24 -21.62
N PHE D 51 -6.48 -6.00 -21.54
CA PHE D 51 -7.73 -5.70 -20.79
C PHE D 51 -8.95 -5.42 -21.68
N ALA D 52 -8.76 -5.19 -22.99
CA ALA D 52 -9.84 -4.92 -23.93
C ALA D 52 -9.54 -5.56 -25.26
N SER D 53 -10.60 -5.79 -26.07
CA SER D 53 -10.53 -6.40 -27.40
C SER D 53 -11.28 -5.54 -28.41
N PHE D 54 -11.05 -5.78 -29.70
CA PHE D 54 -11.66 -5.08 -30.82
C PHE D 54 -11.73 -5.98 -32.08
N GLU D 55 -12.86 -5.87 -32.84
CA GLU D 55 -13.09 -6.57 -34.11
C GLU D 55 -12.88 -5.54 -35.23
N ALA D 56 -11.73 -5.59 -35.90
CA ALA D 56 -11.36 -4.63 -36.94
C ALA D 56 -12.24 -4.69 -38.22
N GLN D 57 -13.06 -5.76 -38.41
CA GLN D 57 -13.94 -5.93 -39.57
C GLN D 57 -14.92 -4.77 -39.69
N GLY D 58 -15.40 -4.31 -38.55
CA GLY D 58 -16.33 -3.19 -38.49
C GLY D 58 -15.66 -1.89 -38.89
N ALA D 59 -14.41 -1.73 -38.47
CA ALA D 59 -13.58 -0.56 -38.75
C ALA D 59 -13.25 -0.44 -40.23
N LEU D 60 -12.96 -1.58 -40.90
CA LEU D 60 -12.63 -1.60 -42.33
C LEU D 60 -13.84 -1.38 -43.24
N ALA D 61 -15.04 -1.79 -42.76
CA ALA D 61 -16.31 -1.59 -43.46
C ALA D 61 -16.66 -0.12 -43.45
N ASN D 62 -16.43 0.56 -42.31
CA ASN D 62 -16.64 2.01 -42.16
C ASN D 62 -15.78 2.76 -43.14
N ILE D 63 -14.52 2.35 -43.33
CA ILE D 63 -13.58 3.01 -44.25
C ILE D 63 -14.03 2.92 -45.73
N ALA D 64 -14.65 1.79 -46.13
CA ALA D 64 -15.19 1.57 -47.48
C ALA D 64 -16.32 2.59 -47.79
N VAL D 65 -17.18 2.87 -46.77
CA VAL D 65 -18.27 3.86 -46.76
C VAL D 65 -17.64 5.30 -46.79
N ASP D 66 -16.53 5.53 -46.01
CA ASP D 66 -15.82 6.83 -45.93
C ASP D 66 -15.27 7.25 -47.28
N LYS D 67 -14.75 6.26 -48.06
CA LYS D 67 -14.22 6.38 -49.41
C LYS D 67 -15.38 6.73 -50.37
N ALA D 68 -16.49 5.95 -50.28
CA ALA D 68 -17.71 6.12 -51.07
C ALA D 68 -18.31 7.53 -50.88
N ASN D 69 -18.40 8.00 -49.61
CA ASN D 69 -18.95 9.32 -49.26
C ASN D 69 -18.03 10.45 -49.64
N LEU D 70 -16.71 10.21 -49.64
CA LEU D 70 -15.74 11.24 -50.07
C LEU D 70 -15.98 11.54 -51.56
N GLU D 71 -16.20 10.49 -52.37
CA GLU D 71 -16.43 10.57 -53.80
C GLU D 71 -17.73 11.30 -54.13
N ILE D 72 -18.78 11.14 -53.29
CA ILE D 72 -20.09 11.84 -53.39
C ILE D 72 -19.90 13.33 -53.09
N MET D 73 -19.22 13.65 -51.96
CA MET D 73 -18.97 15.01 -51.52
C MET D 73 -18.07 15.77 -52.46
N THR D 74 -17.03 15.09 -53.03
CA THR D 74 -16.10 15.68 -54.02
C THR D 74 -16.90 16.27 -55.20
N LYS D 75 -17.81 15.46 -55.82
CA LYS D 75 -18.71 15.88 -56.90
C LYS D 75 -19.66 17.00 -56.43
N ARG D 76 -20.39 16.79 -55.29
CA ARG D 76 -21.37 17.72 -54.70
C ARG D 76 -20.81 19.14 -54.47
N SER D 77 -19.55 19.24 -53.95
CA SER D 77 -18.85 20.50 -53.70
C SER D 77 -18.22 21.08 -54.97
N ASN D 78 -18.60 20.56 -56.18
CA ASN D 78 -18.09 20.98 -57.51
C ASN D 78 -16.54 20.92 -57.55
N TYR D 79 -15.99 19.80 -57.00
CA TYR D 79 -14.57 19.43 -56.85
C TYR D 79 -13.75 20.47 -56.12
N THR D 80 -14.31 21.02 -55.00
CA THR D 80 -13.59 22.02 -54.18
C THR D 80 -12.53 21.25 -53.37
N PRO D 81 -11.22 21.53 -53.56
CA PRO D 81 -10.21 20.79 -52.80
C PRO D 81 -9.86 21.44 -51.46
N ILE D 82 -9.15 20.67 -50.61
CA ILE D 82 -8.68 21.10 -49.30
C ILE D 82 -7.63 22.19 -49.48
N THR D 83 -7.72 23.23 -48.66
CA THR D 83 -6.75 24.33 -48.55
C THR D 83 -5.74 23.79 -47.53
N ASN D 84 -4.48 23.70 -47.93
CA ASN D 84 -3.40 23.24 -47.08
C ASN D 84 -3.17 24.22 -45.94
N VAL D 85 -3.14 23.69 -44.71
CA VAL D 85 -2.89 24.43 -43.47
C VAL D 85 -1.55 23.84 -42.98
N PRO D 86 -0.45 24.64 -42.96
CA PRO D 86 0.86 24.09 -42.57
C PRO D 86 0.99 23.87 -41.06
N PRO D 87 1.89 22.95 -40.61
CA PRO D 87 1.95 22.67 -39.16
C PRO D 87 2.81 23.58 -38.30
N GLU D 88 2.46 23.59 -36.99
CA GLU D 88 3.17 24.25 -35.89
C GLU D 88 4.07 23.16 -35.30
N VAL D 89 5.37 23.20 -35.55
CA VAL D 89 6.30 22.18 -35.06
C VAL D 89 7.00 22.62 -33.75
N THR D 90 7.09 21.71 -32.77
CA THR D 90 7.73 21.93 -31.47
C THR D 90 8.52 20.69 -31.10
N VAL D 91 9.81 20.89 -30.80
CA VAL D 91 10.70 19.82 -30.34
C VAL D 91 10.89 20.00 -28.82
N LEU D 92 10.68 18.92 -28.06
CA LEU D 92 10.77 18.95 -26.60
C LEU D 92 11.23 17.58 -26.09
N THR D 93 11.64 17.51 -24.83
CA THR D 93 12.04 16.25 -24.23
C THR D 93 10.95 15.73 -23.31
N ASN D 94 10.95 14.43 -23.07
CA ASN D 94 9.97 13.77 -22.21
C ASN D 94 10.15 14.19 -20.72
N SER D 95 11.39 14.52 -20.31
CA SER D 95 11.72 14.92 -18.94
C SER D 95 12.91 15.91 -18.97
N PRO D 96 13.26 16.64 -17.85
CA PRO D 96 14.45 17.51 -17.88
C PRO D 96 15.70 16.70 -18.24
N VAL D 97 16.52 17.27 -19.13
CA VAL D 97 17.72 16.67 -19.69
C VAL D 97 18.90 16.71 -18.73
N GLU D 98 19.57 15.55 -18.58
CA GLU D 98 20.78 15.38 -17.77
C GLU D 98 21.78 14.62 -18.63
N LEU D 99 23.08 14.96 -18.57
CA LEU D 99 24.12 14.30 -19.36
C LEU D 99 24.23 12.80 -19.07
N ARG D 100 24.28 11.96 -20.15
CA ARG D 100 24.40 10.48 -20.11
C ARG D 100 23.18 9.75 -19.50
N GLU D 101 22.09 10.49 -19.19
CA GLU D 101 20.88 9.90 -18.62
C GLU D 101 19.85 9.74 -19.76
N PRO D 102 19.51 8.49 -20.18
CA PRO D 102 18.60 8.33 -21.33
C PRO D 102 17.32 9.14 -21.26
N ASN D 103 16.93 9.71 -22.40
CA ASN D 103 15.73 10.54 -22.52
C ASN D 103 15.05 10.26 -23.90
N VAL D 104 13.98 11.01 -24.21
CA VAL D 104 13.22 10.85 -25.45
C VAL D 104 12.94 12.21 -25.99
N LEU D 105 13.29 12.44 -27.28
CA LEU D 105 12.98 13.68 -27.97
C LEU D 105 11.64 13.47 -28.66
N ILE D 106 10.74 14.43 -28.49
CA ILE D 106 9.40 14.45 -29.06
C ILE D 106 9.30 15.56 -30.08
N CYS D 107 8.76 15.25 -31.26
CA CYS D 107 8.50 16.23 -32.30
C CYS D 107 7.00 16.38 -32.38
N PHE D 108 6.45 17.47 -31.81
CA PHE D 108 5.02 17.69 -31.85
C PHE D 108 4.61 18.56 -33.06
N ILE D 109 4.00 17.91 -34.08
CA ILE D 109 3.51 18.50 -35.34
C ILE D 109 2.01 18.70 -35.09
N ASP D 110 1.55 19.96 -35.04
CA ASP D 110 0.18 20.34 -34.67
C ASP D 110 -0.46 21.32 -35.68
N LYS D 111 -1.82 21.41 -35.69
CA LYS D 111 -2.65 22.33 -36.49
C LYS D 111 -2.38 22.25 -37.99
N PHE D 112 -2.53 21.05 -38.58
CA PHE D 112 -2.27 20.83 -39.99
C PHE D 112 -3.32 19.95 -40.69
N THR D 113 -3.46 20.15 -42.00
CA THR D 113 -4.37 19.42 -42.90
C THR D 113 -3.86 19.62 -44.35
N PRO D 114 -3.90 18.61 -45.25
CA PRO D 114 -4.44 17.25 -45.06
C PRO D 114 -3.55 16.37 -44.14
N PRO D 115 -4.03 15.18 -43.73
CA PRO D 115 -3.19 14.32 -42.87
C PRO D 115 -2.11 13.53 -43.64
N VAL D 116 -1.08 14.26 -44.16
CA VAL D 116 0.09 13.71 -44.87
C VAL D 116 1.30 14.59 -44.55
N VAL D 117 2.28 14.01 -43.85
CA VAL D 117 3.56 14.62 -43.46
C VAL D 117 4.70 13.63 -43.63
N ASN D 118 5.89 14.19 -43.85
CA ASN D 118 7.16 13.47 -43.88
C ASN D 118 7.92 14.06 -42.68
N VAL D 119 8.23 13.23 -41.66
CA VAL D 119 8.99 13.66 -40.48
C VAL D 119 10.28 12.84 -40.43
N THR D 120 11.43 13.56 -40.40
CA THR D 120 12.79 12.98 -40.38
C THR D 120 13.64 13.56 -39.21
N TRP D 121 14.18 12.68 -38.34
CA TRP D 121 15.04 13.09 -37.25
C TRP D 121 16.45 13.11 -37.79
N LEU D 122 17.19 14.18 -37.48
CA LEU D 122 18.57 14.33 -37.88
C LEU D 122 19.43 14.49 -36.63
N ARG D 123 20.45 13.62 -36.49
CA ARG D 123 21.45 13.62 -35.40
C ARG D 123 22.74 14.12 -36.06
N ASN D 124 23.11 15.39 -35.78
CA ASN D 124 24.27 16.08 -36.36
C ASN D 124 24.18 16.11 -37.90
N GLY D 125 23.05 16.59 -38.42
CA GLY D 125 22.81 16.69 -39.85
C GLY D 125 22.46 15.41 -40.60
N LYS D 126 22.78 14.21 -40.06
CA LYS D 126 22.50 12.94 -40.74
C LYS D 126 21.20 12.28 -40.26
N PRO D 127 20.36 11.72 -41.16
CA PRO D 127 19.08 11.14 -40.72
C PRO D 127 19.19 9.85 -39.90
N VAL D 128 18.67 9.90 -38.65
CA VAL D 128 18.64 8.75 -37.72
C VAL D 128 17.34 7.96 -37.94
N THR D 129 17.46 6.84 -38.67
CA THR D 129 16.36 5.94 -39.05
C THR D 129 16.26 4.74 -38.10
N THR D 130 16.87 4.83 -36.92
CA THR D 130 16.89 3.71 -35.99
C THR D 130 16.51 4.15 -34.56
N GLY D 131 15.59 3.37 -33.97
CA GLY D 131 15.06 3.58 -32.63
C GLY D 131 13.85 4.49 -32.56
N VAL D 132 13.51 5.14 -33.70
CA VAL D 132 12.40 6.08 -33.89
C VAL D 132 11.03 5.39 -33.86
N SER D 133 9.99 6.14 -33.44
CA SER D 133 8.58 5.72 -33.43
C SER D 133 7.67 6.94 -33.67
N GLU D 134 6.42 6.69 -34.08
CA GLU D 134 5.44 7.74 -34.35
C GLU D 134 4.02 7.38 -33.93
N THR D 135 3.12 8.35 -33.97
CA THR D 135 1.72 8.13 -33.68
C THR D 135 1.01 8.31 -35.02
N VAL D 136 -0.28 7.97 -35.07
CA VAL D 136 -1.11 8.19 -36.25
C VAL D 136 -1.52 9.67 -36.24
N PHE D 137 -2.36 10.11 -37.18
CA PHE D 137 -2.85 11.48 -37.24
C PHE D 137 -3.98 11.56 -36.22
N LEU D 138 -3.73 12.25 -35.12
CA LEU D 138 -4.70 12.41 -34.04
C LEU D 138 -5.65 13.56 -34.35
N PRO D 139 -6.96 13.47 -34.04
CA PRO D 139 -7.88 14.58 -34.41
C PRO D 139 -7.84 15.81 -33.51
N ARG D 140 -8.53 16.88 -33.96
CA ARG D 140 -8.69 18.14 -33.25
C ARG D 140 -10.17 18.63 -33.26
N GLU D 141 -10.50 19.66 -32.49
CA GLU D 141 -11.88 20.19 -32.45
C GLU D 141 -12.13 21.10 -33.67
N ASP D 142 -11.01 21.61 -34.25
CA ASP D 142 -11.04 22.44 -35.42
C ASP D 142 -10.87 21.65 -36.71
N HIS D 143 -10.91 20.32 -36.62
CA HIS D 143 -10.91 19.39 -37.76
C HIS D 143 -9.58 19.29 -38.47
N LEU D 144 -8.56 19.92 -37.89
CA LEU D 144 -7.15 19.83 -38.26
C LEU D 144 -6.62 18.58 -37.51
N PHE D 145 -5.30 18.33 -37.59
CA PHE D 145 -4.67 17.16 -37.00
C PHE D 145 -3.47 17.54 -36.13
N ARG D 146 -2.97 16.55 -35.39
CA ARG D 146 -1.77 16.59 -34.55
C ARG D 146 -1.10 15.23 -34.68
N LYS D 147 0.21 15.18 -34.45
CA LYS D 147 1.00 13.96 -34.59
C LYS D 147 2.24 14.11 -33.73
N PHE D 148 2.82 12.99 -33.28
CA PHE D 148 4.03 12.98 -32.46
C PHE D 148 5.01 11.97 -33.04
N HIS D 149 6.29 12.35 -33.09
CA HIS D 149 7.41 11.51 -33.50
C HIS D 149 8.41 11.45 -32.34
N TYR D 150 8.89 10.24 -31.99
CA TYR D 150 9.79 10.04 -30.85
C TYR D 150 11.16 9.52 -31.23
N LEU D 151 12.16 10.01 -30.50
CA LEU D 151 13.55 9.61 -30.66
C LEU D 151 14.24 9.40 -29.30
N PRO D 152 14.33 8.14 -28.85
CA PRO D 152 15.07 7.86 -27.61
C PRO D 152 16.54 8.19 -27.82
N PHE D 153 17.11 9.04 -26.96
CA PHE D 153 18.50 9.47 -27.12
C PHE D 153 19.27 9.48 -25.77
N LEU D 154 20.60 9.67 -25.87
CA LEU D 154 21.49 9.77 -24.72
C LEU D 154 22.08 11.16 -24.68
N PRO D 155 21.54 12.06 -23.84
CA PRO D 155 22.09 13.43 -23.77
C PRO D 155 23.62 13.56 -23.71
N SER D 156 24.18 14.34 -24.66
CA SER D 156 25.62 14.58 -24.75
C SER D 156 25.90 16.08 -24.97
N THR D 157 27.16 16.48 -24.89
CA THR D 157 27.58 17.86 -25.13
C THR D 157 28.01 18.01 -26.60
N GLU D 158 28.41 16.90 -27.23
CA GLU D 158 28.89 16.85 -28.61
C GLU D 158 27.82 16.38 -29.65
N ASP D 159 26.52 16.48 -29.31
CA ASP D 159 25.39 16.06 -30.17
C ASP D 159 24.30 17.16 -30.32
N VAL D 160 23.91 17.43 -31.60
CA VAL D 160 22.85 18.36 -32.04
C VAL D 160 21.74 17.63 -32.79
N TYR D 161 20.50 18.04 -32.52
CA TYR D 161 19.34 17.40 -33.10
C TYR D 161 18.45 18.36 -33.87
N ASP D 162 17.78 17.81 -34.90
CA ASP D 162 16.85 18.55 -35.73
C ASP D 162 15.69 17.64 -36.14
N CYS D 163 14.48 18.20 -36.17
CA CYS D 163 13.28 17.53 -36.65
C CYS D 163 12.94 18.18 -37.98
N ARG D 164 12.97 17.42 -39.08
CA ARG D 164 12.66 17.95 -40.41
C ARG D 164 11.25 17.52 -40.83
N VAL D 165 10.34 18.51 -40.91
CA VAL D 165 8.95 18.31 -41.27
C VAL D 165 8.67 18.85 -42.66
N GLU D 166 8.15 17.98 -43.51
CA GLU D 166 7.70 18.33 -44.84
C GLU D 166 6.15 18.20 -44.83
N HIS D 167 5.48 19.19 -45.42
CA HIS D 167 4.02 19.29 -45.57
C HIS D 167 3.76 20.17 -46.80
N TRP D 168 2.69 19.88 -47.56
CA TRP D 168 2.32 20.64 -48.76
C TRP D 168 1.94 22.12 -48.51
N GLY D 169 1.60 22.47 -47.26
CA GLY D 169 1.28 23.84 -46.84
C GLY D 169 2.50 24.68 -46.56
N LEU D 170 3.69 24.04 -46.56
CA LEU D 170 5.00 24.66 -46.32
C LEU D 170 5.76 24.78 -47.65
N ASP D 171 6.44 25.93 -47.86
CA ASP D 171 7.21 26.15 -49.09
C ASP D 171 8.49 25.30 -49.10
N GLU D 172 9.23 25.36 -47.98
CA GLU D 172 10.46 24.60 -47.75
CA GLU D 172 10.47 24.62 -47.74
C GLU D 172 10.34 23.79 -46.44
N PRO D 173 11.13 22.68 -46.23
CA PRO D 173 11.00 21.92 -44.97
C PRO D 173 11.20 22.77 -43.72
N LEU D 174 10.43 22.48 -42.67
CA LEU D 174 10.51 23.19 -41.40
C LEU D 174 11.47 22.37 -40.55
N LEU D 175 12.56 23.02 -40.10
CA LEU D 175 13.60 22.36 -39.31
C LEU D 175 13.59 22.92 -37.90
N LYS D 176 13.31 22.05 -36.92
CA LYS D 176 13.30 22.46 -35.52
C LYS D 176 14.43 21.81 -34.76
N HIS D 177 15.30 22.69 -34.23
CA HIS D 177 16.53 22.37 -33.55
C HIS D 177 16.37 22.15 -32.05
N TRP D 178 17.27 21.30 -31.51
CA TRP D 178 17.46 20.95 -30.11
C TRP D 178 18.91 20.56 -29.88
N GLU D 179 19.47 21.09 -28.80
CA GLU D 179 20.80 20.80 -28.29
C GLU D 179 20.87 21.09 -26.79
N PHE D 180 21.73 20.36 -26.09
CA PHE D 180 21.96 20.44 -24.65
C PHE D 180 22.56 21.83 -24.27
N ASP D 181 21.94 22.52 -23.27
CA ASP D 181 22.43 23.84 -22.84
C ASP D 181 23.30 23.78 -21.59
N THR D 182 24.41 24.58 -21.58
CA THR D 182 25.41 24.73 -20.50
C THR D 182 26.14 23.40 -20.29
N ARG E 3 -1.13 18.10 -56.98
CA ARG E 3 -2.47 17.59 -57.35
C ARG E 3 -3.48 17.97 -56.25
N PRO E 4 -4.76 18.27 -56.57
CA PRO E 4 -5.72 18.63 -55.50
C PRO E 4 -6.05 17.47 -54.57
N ARG E 5 -6.35 17.80 -53.29
CA ARG E 5 -6.75 16.81 -52.27
C ARG E 5 -8.19 17.04 -51.79
N PHE E 6 -8.91 15.93 -51.53
CA PHE E 6 -10.28 15.88 -51.06
C PHE E 6 -10.29 15.00 -49.81
N LEU E 7 -10.69 15.57 -48.68
CA LEU E 7 -10.70 14.86 -47.40
C LEU E 7 -12.11 14.75 -46.81
N TRP E 8 -12.42 13.58 -46.24
CA TRP E 8 -13.67 13.28 -45.56
C TRP E 8 -13.35 12.70 -44.17
N GLN E 9 -13.87 13.34 -43.10
CA GLN E 9 -13.69 12.87 -41.73
C GLN E 9 -15.04 12.55 -41.11
N LEU E 10 -15.07 11.50 -40.32
CA LEU E 10 -16.24 11.04 -39.59
C LEU E 10 -15.81 10.85 -38.13
N LYS E 11 -16.52 11.55 -37.22
CA LYS E 11 -16.20 11.54 -35.80
C LYS E 11 -17.39 11.23 -34.96
N PHE E 12 -17.26 10.29 -34.01
CA PHE E 12 -18.32 10.00 -33.03
C PHE E 12 -17.69 10.37 -31.71
N GLU E 13 -18.21 11.41 -31.08
CA GLU E 13 -17.72 11.95 -29.83
C GLU E 13 -18.69 11.59 -28.73
N CYS E 14 -18.22 10.84 -27.73
CA CYS E 14 -19.03 10.46 -26.56
C CYS E 14 -18.53 11.33 -25.42
N HIS E 15 -19.36 12.27 -24.94
CA HIS E 15 -19.03 13.23 -23.86
C HIS E 15 -19.71 12.76 -22.59
N PHE E 16 -18.91 12.51 -21.51
CA PHE E 16 -19.38 12.01 -20.23
C PHE E 16 -19.21 13.03 -19.12
N PHE E 17 -20.32 13.32 -18.39
CA PHE E 17 -20.41 14.27 -17.28
C PHE E 17 -20.84 13.45 -16.03
N ASN E 18 -20.11 13.58 -14.87
CA ASN E 18 -20.37 12.82 -13.63
C ASN E 18 -20.44 11.30 -13.94
N GLY E 19 -19.32 10.75 -14.41
CA GLY E 19 -19.23 9.34 -14.79
C GLY E 19 -20.01 9.07 -16.05
N THR E 20 -21.10 8.30 -15.93
CA THR E 20 -22.03 8.01 -17.02
C THR E 20 -23.47 8.50 -16.66
N GLU E 21 -23.57 9.48 -15.71
CA GLU E 21 -24.82 10.11 -15.28
C GLU E 21 -25.44 10.82 -16.51
N ARG E 22 -24.70 11.77 -17.10
CA ARG E 22 -25.09 12.52 -18.27
C ARG E 22 -24.13 12.17 -19.41
N VAL E 23 -24.67 11.70 -20.56
CA VAL E 23 -23.88 11.32 -21.74
C VAL E 23 -24.43 12.02 -23.01
N ARG E 24 -23.52 12.44 -23.89
CA ARG E 24 -23.88 13.12 -25.14
C ARG E 24 -23.06 12.54 -26.31
N LEU E 25 -23.77 12.16 -27.39
CA LEU E 25 -23.17 11.65 -28.61
C LEU E 25 -23.20 12.74 -29.63
N LEU E 26 -22.06 12.93 -30.29
CA LEU E 26 -21.95 13.91 -31.35
C LEU E 26 -21.32 13.21 -32.53
N GLU E 27 -22.13 12.99 -33.55
CA GLU E 27 -21.65 12.39 -34.77
C GLU E 27 -21.48 13.54 -35.69
N ARG E 28 -20.24 13.81 -36.12
CA ARG E 28 -19.95 14.94 -37.00
C ARG E 28 -19.34 14.50 -38.33
N CYS E 29 -19.88 14.97 -39.48
CA CYS E 29 -19.33 14.70 -40.83
C CYS E 29 -18.61 15.96 -41.28
N ILE E 30 -17.32 15.82 -41.68
CA ILE E 30 -16.45 16.96 -42.05
C ILE E 30 -15.89 16.78 -43.46
N TYR E 31 -16.26 17.69 -44.40
CA TYR E 31 -15.71 17.66 -45.74
C TYR E 31 -14.65 18.73 -45.77
N ASN E 32 -13.39 18.30 -46.02
CA ASN E 32 -12.19 19.12 -46.03
C ASN E 32 -11.92 19.72 -44.63
N GLN E 33 -12.37 20.93 -44.34
CA GLN E 33 -12.18 21.53 -43.01
C GLN E 33 -13.50 22.09 -42.46
N GLU E 34 -14.58 21.90 -43.22
CA GLU E 34 -15.92 22.36 -42.88
C GLU E 34 -16.81 21.18 -42.50
N GLU E 35 -17.36 21.23 -41.29
CA GLU E 35 -18.30 20.25 -40.81
C GLU E 35 -19.57 20.41 -41.66
N SER E 36 -20.04 19.33 -42.33
CA SER E 36 -21.20 19.37 -43.24
C SER E 36 -22.59 19.12 -42.53
N VAL E 37 -22.74 17.95 -41.91
CA VAL E 37 -23.93 17.45 -41.23
C VAL E 37 -23.52 16.84 -39.86
N ARG E 38 -24.43 16.81 -38.88
CA ARG E 38 -24.17 16.24 -37.56
C ARG E 38 -25.40 15.70 -36.88
N PHE E 39 -25.22 14.70 -36.01
CA PHE E 39 -26.29 14.17 -35.17
C PHE E 39 -25.84 14.42 -33.72
N ASP E 40 -26.64 15.22 -32.99
CA ASP E 40 -26.41 15.54 -31.59
C ASP E 40 -27.53 14.84 -30.81
N SER E 41 -27.15 14.00 -29.84
CA SER E 41 -28.14 13.27 -29.05
C SER E 41 -29.07 14.19 -28.26
N ASP E 42 -28.60 15.41 -27.91
CA ASP E 42 -29.40 16.42 -27.20
C ASP E 42 -30.49 17.04 -28.10
N VAL E 43 -30.36 16.90 -29.44
CA VAL E 43 -31.29 17.39 -30.47
C VAL E 43 -32.20 16.22 -30.91
N GLY E 44 -31.62 15.09 -31.32
CA GLY E 44 -32.42 13.91 -31.67
C GLY E 44 -32.61 13.56 -33.13
N GLU E 45 -32.00 14.35 -34.02
CA GLU E 45 -32.02 14.16 -35.47
C GLU E 45 -30.81 14.85 -36.09
N TYR E 46 -30.51 14.52 -37.35
CA TYR E 46 -29.41 15.12 -38.12
C TYR E 46 -29.71 16.53 -38.50
N ARG E 47 -28.67 17.37 -38.43
CA ARG E 47 -28.74 18.80 -38.77
C ARG E 47 -27.59 19.17 -39.69
N ALA E 48 -27.90 19.86 -40.78
CA ALA E 48 -26.91 20.40 -41.70
C ALA E 48 -26.28 21.68 -41.09
N VAL E 49 -24.97 21.69 -40.98
CA VAL E 49 -24.15 22.78 -40.45
C VAL E 49 -23.88 23.74 -41.59
N THR E 50 -23.65 23.20 -42.82
CA THR E 50 -23.42 23.92 -44.09
C THR E 50 -24.44 23.46 -45.17
N GLU E 51 -24.52 24.17 -46.31
CA GLU E 51 -25.42 23.83 -47.42
C GLU E 51 -25.11 22.44 -48.00
N LEU E 52 -23.83 22.08 -48.01
CA LEU E 52 -23.32 20.80 -48.52
C LEU E 52 -23.92 19.58 -47.78
N GLY E 53 -24.22 19.75 -46.49
CA GLY E 53 -24.80 18.71 -45.64
C GLY E 53 -26.30 18.56 -45.68
N ARG E 54 -27.01 19.48 -46.36
CA ARG E 54 -28.48 19.47 -46.44
C ARG E 54 -29.05 18.16 -47.05
N PRO E 55 -28.52 17.60 -48.18
CA PRO E 55 -29.08 16.33 -48.69
C PRO E 55 -28.99 15.15 -47.71
N ASP E 56 -27.87 15.09 -46.91
CA ASP E 56 -27.59 14.05 -45.91
C ASP E 56 -28.52 14.14 -44.70
N ALA E 57 -28.66 15.34 -44.07
CA ALA E 57 -29.55 15.55 -42.92
C ALA E 57 -30.96 15.10 -43.27
N GLU E 58 -31.41 15.49 -44.49
CA GLU E 58 -32.70 15.15 -45.09
C GLU E 58 -32.81 13.65 -45.36
N TYR E 59 -31.79 13.04 -45.99
CA TYR E 59 -31.78 11.61 -46.31
C TYR E 59 -31.78 10.70 -45.06
N TRP E 60 -30.88 10.97 -44.11
CA TRP E 60 -30.70 10.18 -42.90
C TRP E 60 -31.87 10.32 -41.91
N ASN E 61 -32.52 11.51 -41.89
CA ASN E 61 -33.67 11.75 -41.01
C ASN E 61 -34.93 11.02 -41.52
N SER E 62 -34.93 10.62 -42.82
CA SER E 62 -36.05 9.92 -43.46
C SER E 62 -36.05 8.42 -43.17
N GLN E 63 -34.97 7.92 -42.51
CA GLN E 63 -34.73 6.53 -42.17
C GLN E 63 -34.97 6.31 -40.71
N LYS E 64 -36.18 5.86 -40.39
CA LYS E 64 -36.69 5.59 -39.04
C LYS E 64 -35.75 4.69 -38.18
N ASP E 65 -35.17 3.60 -38.77
CA ASP E 65 -34.26 2.70 -38.05
C ASP E 65 -33.01 3.42 -37.57
N LEU E 66 -32.40 4.24 -38.44
CA LEU E 66 -31.17 5.00 -38.18
C LEU E 66 -31.33 5.81 -36.91
N LEU E 67 -32.31 6.72 -36.93
CA LEU E 67 -32.67 7.63 -35.84
C LEU E 67 -32.90 6.84 -34.59
N GLU E 68 -33.71 5.78 -34.66
CA GLU E 68 -33.97 4.89 -33.55
C GLU E 68 -32.66 4.34 -32.96
N GLN E 69 -31.68 3.89 -33.80
CA GLN E 69 -30.42 3.37 -33.25
C GLN E 69 -29.51 4.51 -32.72
N ARG E 70 -29.35 5.58 -33.48
CA ARG E 70 -28.54 6.71 -33.09
C ARG E 70 -29.09 7.35 -31.77
N ARG E 71 -30.42 7.24 -31.49
CA ARG E 71 -31.03 7.78 -30.26
C ARG E 71 -30.70 6.94 -29.03
N ALA E 72 -30.38 5.66 -29.25
CA ALA E 72 -30.09 4.63 -28.24
C ALA E 72 -28.57 4.49 -27.99
N ALA E 73 -27.76 4.98 -28.96
CA ALA E 73 -26.31 4.96 -29.03
C ALA E 73 -25.62 5.49 -27.80
N VAL E 74 -26.31 6.31 -26.98
CA VAL E 74 -25.73 6.83 -25.74
C VAL E 74 -25.61 5.72 -24.71
N ASP E 75 -26.48 4.69 -24.82
CA ASP E 75 -26.46 3.54 -23.94
C ASP E 75 -25.71 2.36 -24.56
N THR E 76 -26.05 2.00 -25.83
CA THR E 76 -25.45 0.84 -26.50
C THR E 76 -24.00 1.02 -26.87
N TYR E 77 -23.62 2.25 -27.20
CA TYR E 77 -22.29 2.56 -27.67
C TYR E 77 -21.49 3.37 -26.65
N CYS E 78 -21.90 4.60 -26.31
CA CYS E 78 -21.18 5.46 -25.38
C CYS E 78 -20.95 4.83 -24.00
N ARG E 79 -22.03 4.44 -23.30
CA ARG E 79 -21.92 3.82 -21.97
C ARG E 79 -21.18 2.50 -22.04
N HIS E 80 -21.37 1.72 -23.11
CA HIS E 80 -20.67 0.45 -23.33
C HIS E 80 -19.18 0.67 -23.39
N ASN E 81 -18.67 1.51 -24.33
CA ASN E 81 -17.22 1.75 -24.53
C ASN E 81 -16.57 2.41 -23.35
N TYR E 82 -17.30 3.28 -22.61
CA TYR E 82 -16.80 3.88 -21.36
C TYR E 82 -16.40 2.76 -20.37
N GLY E 83 -17.28 1.75 -20.22
CA GLY E 83 -17.07 0.60 -19.35
C GLY E 83 -15.95 -0.30 -19.83
N VAL E 84 -15.84 -0.51 -21.17
CA VAL E 84 -14.83 -1.40 -21.81
C VAL E 84 -13.40 -1.05 -21.36
N GLY E 85 -13.13 0.25 -21.26
CA GLY E 85 -11.81 0.75 -20.89
C GLY E 85 -11.65 1.51 -19.59
N GLU E 86 -12.66 1.51 -18.72
CA GLU E 86 -12.62 2.26 -17.45
C GLU E 86 -11.38 2.02 -16.54
N SER E 87 -10.97 0.76 -16.37
CA SER E 87 -9.83 0.39 -15.52
C SER E 87 -8.47 0.97 -15.96
N PHE E 88 -8.28 1.18 -17.28
CA PHE E 88 -7.01 1.70 -17.81
C PHE E 88 -7.08 3.10 -18.39
N THR E 89 -8.28 3.72 -18.39
CA THR E 89 -8.49 5.07 -18.90
C THR E 89 -8.90 5.98 -17.73
N VAL E 90 -10.18 5.97 -17.33
CA VAL E 90 -10.76 6.72 -16.20
C VAL E 90 -9.97 6.49 -14.88
N GLN E 91 -9.63 5.21 -14.59
CA GLN E 91 -8.92 4.80 -13.38
C GLN E 91 -7.38 4.81 -13.49
N ARG E 92 -6.80 5.21 -14.64
CA ARG E 92 -5.36 5.26 -14.83
C ARG E 92 -4.73 6.35 -13.97
N ARG E 93 -3.73 5.98 -13.16
CA ARG E 93 -2.99 6.88 -12.28
C ARG E 93 -1.53 6.58 -12.42
N VAL E 94 -0.74 7.58 -12.81
CA VAL E 94 0.72 7.48 -12.96
C VAL E 94 1.29 8.63 -12.15
N GLU E 95 2.12 8.31 -11.17
CA GLU E 95 2.73 9.30 -10.28
C GLU E 95 3.77 10.15 -11.01
N PRO E 96 3.68 11.49 -10.83
CA PRO E 96 4.67 12.39 -11.47
C PRO E 96 6.04 12.35 -10.84
N LYS E 97 7.08 12.59 -11.66
CA LYS E 97 8.47 12.72 -11.23
C LYS E 97 8.74 14.24 -11.09
N VAL E 98 8.82 14.77 -9.82
CA VAL E 98 9.07 16.19 -9.53
C VAL E 98 10.56 16.48 -9.33
N THR E 99 11.08 17.49 -10.06
CA THR E 99 12.48 17.95 -10.11
C THR E 99 12.54 19.48 -10.08
N VAL E 100 13.32 20.06 -9.14
CA VAL E 100 13.58 21.50 -9.03
C VAL E 100 15.03 21.76 -9.44
N TYR E 101 15.24 22.72 -10.36
CA TYR E 101 16.56 23.10 -10.87
C TYR E 101 16.62 24.56 -11.35
N PRO E 102 17.76 25.29 -11.18
CA PRO E 102 17.83 26.67 -11.67
C PRO E 102 18.18 26.77 -13.17
N SER E 103 17.63 27.78 -13.88
CA SER E 103 17.86 27.95 -15.33
C SER E 103 18.28 29.39 -15.75
N LYS E 104 19.53 29.74 -15.40
CA LYS E 104 20.27 30.99 -15.67
C LYS E 104 20.69 31.19 -17.15
N ASN E 112 17.35 35.08 -14.40
CA ASN E 112 17.50 33.86 -13.59
C ASN E 112 16.15 33.33 -13.04
N LEU E 113 15.79 32.12 -13.52
CA LEU E 113 14.56 31.37 -13.25
C LEU E 113 14.85 30.12 -12.43
N LEU E 114 13.87 29.73 -11.60
CA LEU E 114 13.90 28.48 -10.83
C LEU E 114 12.80 27.61 -11.41
N VAL E 115 13.19 26.50 -12.09
CA VAL E 115 12.26 25.59 -12.77
C VAL E 115 11.78 24.42 -11.91
N CYS E 116 10.46 24.14 -11.98
CA CYS E 116 9.85 22.96 -11.35
C CYS E 116 9.27 22.11 -12.44
N SER E 117 9.98 21.03 -12.76
CA SER E 117 9.62 20.06 -13.78
C SER E 117 8.77 18.96 -13.14
N VAL E 118 7.54 18.80 -13.64
CA VAL E 118 6.58 17.77 -13.16
C VAL E 118 6.31 16.87 -14.39
N SER E 119 6.89 15.66 -14.44
CA SER E 119 6.74 14.83 -15.64
C SER E 119 6.25 13.41 -15.41
N GLY E 120 5.75 12.84 -16.51
CA GLY E 120 5.30 11.47 -16.62
C GLY E 120 4.09 11.10 -15.80
N PHE E 121 3.14 12.05 -15.59
CA PHE E 121 1.90 11.84 -14.83
C PHE E 121 0.61 11.63 -15.65
N TYR E 122 -0.36 10.99 -15.02
CA TYR E 122 -1.69 10.74 -15.55
C TYR E 122 -2.73 10.63 -14.39
N PRO E 123 -3.91 11.29 -14.45
CA PRO E 123 -4.42 12.20 -15.51
C PRO E 123 -3.83 13.61 -15.43
N GLY E 124 -4.29 14.47 -16.34
CA GLY E 124 -3.84 15.85 -16.47
C GLY E 124 -4.20 16.81 -15.35
N SER E 125 -5.15 16.45 -14.47
CA SER E 125 -5.59 17.26 -13.34
C SER E 125 -4.46 17.41 -12.29
N ILE E 126 -3.66 18.51 -12.33
CA ILE E 126 -2.53 18.80 -11.42
C ILE E 126 -2.53 20.27 -10.88
N GLU E 127 -1.97 20.47 -9.67
CA GLU E 127 -1.78 21.75 -9.02
C GLU E 127 -0.32 21.81 -8.58
N VAL E 128 0.38 22.90 -8.94
CA VAL E 128 1.79 23.17 -8.62
C VAL E 128 1.90 24.53 -7.87
N ARG E 129 2.38 24.52 -6.62
CA ARG E 129 2.54 25.74 -5.79
C ARG E 129 4.01 25.97 -5.45
N TRP E 130 4.52 27.19 -5.66
CA TRP E 130 5.90 27.56 -5.31
C TRP E 130 5.88 28.24 -3.94
N PHE E 131 6.94 28.03 -3.16
CA PHE E 131 7.15 28.59 -1.82
C PHE E 131 8.58 29.09 -1.65
N ARG E 132 8.71 30.24 -0.96
CA ARG E 132 9.98 30.86 -0.60
C ARG E 132 9.98 30.93 0.93
N ASN E 133 10.89 30.15 1.54
CA ASN E 133 11.07 29.98 2.99
C ASN E 133 9.71 29.74 3.72
N GLY E 134 8.97 28.76 3.20
CA GLY E 134 7.67 28.35 3.74
C GLY E 134 6.47 29.21 3.40
N GLN E 135 6.67 30.29 2.61
CA GLN E 135 5.57 31.17 2.20
C GLN E 135 5.29 31.08 0.70
N GLU E 136 3.99 30.91 0.31
CA GLU E 136 3.55 30.83 -1.09
C GLU E 136 3.86 32.08 -1.91
N GLU E 137 4.59 31.89 -3.02
CA GLU E 137 4.91 32.95 -3.97
C GLU E 137 4.05 32.65 -5.19
N LYS E 138 3.02 33.50 -5.43
CA LYS E 138 2.09 33.38 -6.57
C LYS E 138 2.55 34.32 -7.71
N ALA E 139 3.31 35.37 -7.33
CA ALA E 139 3.87 36.41 -8.18
C ALA E 139 5.19 36.00 -8.85
N GLY E 140 5.30 36.27 -10.14
CA GLY E 140 6.46 35.95 -10.95
C GLY E 140 6.50 34.48 -11.34
N VAL E 141 5.32 33.80 -11.32
CA VAL E 141 5.12 32.37 -11.64
C VAL E 141 4.58 32.27 -13.07
N VAL E 142 5.28 31.50 -13.93
CA VAL E 142 4.89 31.31 -15.32
C VAL E 142 5.00 29.81 -15.70
N SER E 143 3.88 29.22 -16.13
CA SER E 143 3.76 27.80 -16.52
C SER E 143 3.69 27.64 -18.01
N THR E 144 4.14 26.48 -18.52
CA THR E 144 4.07 26.10 -19.93
C THR E 144 2.63 25.59 -20.21
N GLY E 145 1.90 25.35 -19.12
CA GLY E 145 0.59 24.73 -19.14
C GLY E 145 0.77 23.23 -19.18
N LEU E 146 -0.29 22.49 -19.36
CA LEU E 146 -0.30 21.02 -19.42
C LEU E 146 0.11 20.54 -20.82
N ILE E 147 1.24 19.82 -20.91
CA ILE E 147 1.76 19.26 -22.15
C ILE E 147 1.45 17.77 -22.21
N GLN E 148 0.67 17.29 -23.22
CA GLN E 148 0.44 15.86 -23.30
C GLN E 148 1.37 15.28 -24.37
N ASN E 149 2.38 14.45 -23.94
CA ASN E 149 3.46 13.81 -24.70
C ASN E 149 3.03 12.76 -25.75
N GLY E 150 1.72 12.42 -25.77
CA GLY E 150 1.11 11.51 -26.73
C GLY E 150 1.13 10.03 -26.42
N ASP E 151 1.78 9.65 -25.29
CA ASP E 151 1.97 8.26 -24.84
C ASP E 151 1.25 7.96 -23.51
N TRP E 152 0.17 8.70 -23.19
CA TRP E 152 -0.64 8.57 -21.97
C TRP E 152 0.09 9.12 -20.72
N THR E 153 0.91 10.16 -20.91
CA THR E 153 1.61 10.86 -19.81
C THR E 153 1.61 12.32 -20.14
N PHE E 154 1.58 13.15 -19.09
CA PHE E 154 1.63 14.60 -19.20
C PHE E 154 2.89 15.10 -18.56
N GLN E 155 3.20 16.38 -18.84
CA GLN E 155 4.30 17.12 -18.23
C GLN E 155 3.90 18.58 -18.13
N THR E 156 4.50 19.28 -17.17
CA THR E 156 4.29 20.71 -16.92
C THR E 156 5.58 21.27 -16.37
N LEU E 157 5.87 22.52 -16.69
CA LEU E 157 7.05 23.24 -16.20
C LEU E 157 6.55 24.52 -15.61
N VAL E 158 6.78 24.68 -14.31
CA VAL E 158 6.32 25.83 -13.54
C VAL E 158 7.54 26.63 -13.07
N MET E 159 7.83 27.72 -13.75
CA MET E 159 8.97 28.62 -13.49
C MET E 159 8.70 29.70 -12.48
N LEU E 160 9.71 30.03 -11.70
CA LEU E 160 9.69 31.10 -10.71
C LEU E 160 10.79 32.10 -11.08
N GLU E 161 10.39 33.34 -11.43
CA GLU E 161 11.29 34.44 -11.74
C GLU E 161 11.83 34.91 -10.39
N THR E 162 13.11 34.58 -10.12
CA THR E 162 13.82 34.91 -8.88
C THR E 162 15.35 34.79 -9.05
N VAL E 163 16.12 35.64 -8.35
CA VAL E 163 17.58 35.58 -8.31
C VAL E 163 17.92 35.03 -6.90
N PRO E 164 18.44 33.77 -6.82
CA PRO E 164 18.66 33.13 -5.51
C PRO E 164 19.77 33.69 -4.63
N ARG E 165 19.59 33.52 -3.29
CA ARG E 165 20.53 33.98 -2.26
C ARG E 165 20.96 32.88 -1.26
N SER E 166 22.00 33.19 -0.43
CA SER E 166 22.66 32.34 0.57
C SER E 166 21.76 31.80 1.70
N GLY E 167 20.70 32.53 2.07
CA GLY E 167 19.78 32.11 3.12
C GLY E 167 18.38 31.80 2.63
N GLU E 168 18.26 31.42 1.32
CA GLU E 168 17.00 31.11 0.60
C GLU E 168 16.73 29.58 0.38
N VAL E 169 15.50 29.13 0.76
CA VAL E 169 15.02 27.74 0.62
C VAL E 169 13.73 27.72 -0.23
N TYR E 170 13.84 27.32 -1.50
CA TYR E 170 12.68 27.27 -2.38
C TYR E 170 12.03 25.89 -2.35
N THR E 171 10.69 25.86 -2.40
CA THR E 171 9.88 24.64 -2.33
C THR E 171 8.83 24.58 -3.43
N CYS E 172 8.81 23.47 -4.18
CA CYS E 172 7.80 23.21 -5.19
C CYS E 172 6.88 22.16 -4.63
N GLN E 173 5.60 22.50 -4.48
CA GLN E 173 4.60 21.57 -3.96
C GLN E 173 3.64 21.17 -5.10
N VAL E 174 3.53 19.85 -5.34
CA VAL E 174 2.69 19.26 -6.40
C VAL E 174 1.57 18.43 -5.77
N GLU E 175 0.32 18.63 -6.24
CA GLU E 175 -0.86 17.92 -5.79
C GLU E 175 -1.50 17.23 -6.99
N HIS E 176 -1.62 15.87 -6.95
CA HIS E 176 -2.13 15.02 -8.03
C HIS E 176 -3.08 13.89 -7.52
N PRO E 177 -4.00 13.33 -8.38
CA PRO E 177 -4.84 12.19 -7.93
C PRO E 177 -4.10 10.86 -7.67
N SER E 178 -2.78 10.76 -7.99
CA SER E 178 -1.96 9.55 -7.85
C SER E 178 -1.25 9.51 -6.48
N VAL E 179 -1.35 10.59 -5.71
CA VAL E 179 -0.77 10.73 -4.37
C VAL E 179 -1.83 11.14 -3.33
N THR E 180 -1.71 10.57 -2.12
CA THR E 180 -2.59 10.84 -0.97
C THR E 180 -2.28 12.24 -0.37
N SER E 181 -0.97 12.58 -0.28
CA SER E 181 -0.42 13.83 0.25
C SER E 181 0.47 14.54 -0.80
N PRO E 182 0.67 15.89 -0.74
CA PRO E 182 1.48 16.57 -1.78
C PRO E 182 2.93 16.18 -1.89
N LEU E 183 3.48 16.20 -3.11
CA LEU E 183 4.89 15.92 -3.36
C LEU E 183 5.63 17.23 -3.19
N THR E 184 6.68 17.21 -2.36
CA THR E 184 7.47 18.40 -2.04
C THR E 184 8.92 18.18 -2.46
N VAL E 185 9.48 19.10 -3.23
CA VAL E 185 10.88 19.09 -3.67
C VAL E 185 11.51 20.45 -3.26
N GLU E 186 12.60 20.37 -2.47
CA GLU E 186 13.34 21.51 -1.93
C GLU E 186 14.56 21.89 -2.75
N TRP E 187 14.94 23.18 -2.71
CA TRP E 187 16.12 23.70 -3.40
C TRP E 187 16.74 24.84 -2.63
N ARG E 188 18.06 24.72 -2.36
CA ARG E 188 18.89 25.71 -1.66
C ARG E 188 20.14 26.08 -2.51
N ALA E 189 20.38 27.40 -2.72
CA ALA E 189 21.48 27.94 -3.52
C ALA E 189 22.86 27.65 -2.92
N ARG F 1 -13.16 -7.27 -22.64
CA ARG F 1 -14.41 -6.77 -23.20
C ARG F 1 -14.14 -6.15 -24.56
N PHE F 2 -15.15 -6.13 -25.46
CA PHE F 2 -15.02 -5.60 -26.83
C PHE F 2 -15.49 -4.15 -27.04
N TYR F 3 -14.66 -3.34 -27.71
CA TYR F 3 -15.02 -1.97 -28.11
C TYR F 3 -15.97 -2.13 -29.27
N LYS F 4 -17.07 -1.36 -29.24
CA LYS F 4 -18.12 -1.29 -30.25
C LYS F 4 -17.80 -0.20 -31.26
N THR F 5 -18.11 -0.47 -32.53
CA THR F 5 -17.95 0.51 -33.60
C THR F 5 -19.35 1.09 -33.87
N LEU F 6 -19.50 2.44 -33.98
CA LEU F 6 -20.78 3.03 -34.41
C LEU F 6 -20.64 3.05 -35.93
N ARG F 7 -21.58 2.40 -36.61
CA ARG F 7 -21.45 2.18 -38.04
C ARG F 7 -21.67 3.45 -38.88
N ALA F 8 -20.67 3.75 -39.77
CA ALA F 8 -20.66 4.85 -40.74
C ALA F 8 -21.79 4.68 -41.79
N GLU F 9 -22.58 5.75 -42.00
CA GLU F 9 -23.76 5.77 -42.88
C GLU F 9 -23.46 6.35 -44.26
N GLN F 10 -23.93 5.64 -45.29
CA GLN F 10 -23.82 6.00 -46.70
C GLN F 10 -24.61 7.31 -46.91
N ALA F 11 -23.98 8.33 -47.54
CA ALA F 11 -24.59 9.63 -47.78
C ALA F 11 -25.57 9.63 -48.98
N SER F 12 -26.39 10.70 -49.07
CA SER F 12 -27.36 10.96 -50.13
C SER F 12 -26.59 11.09 -51.45
N GLN F 13 -27.03 10.39 -52.50
CA GLN F 13 -26.33 10.39 -53.78
C GLN F 13 -26.95 11.40 -54.76
N GLU G 3 -13.25 -12.67 41.68
CA GLU G 3 -12.05 -12.33 40.91
C GLU G 3 -11.71 -10.83 40.93
N GLU G 4 -10.71 -10.45 40.12
CA GLU G 4 -10.25 -9.07 40.00
C GLU G 4 -10.36 -8.60 38.57
N HIS G 5 -9.65 -9.29 37.64
CA HIS G 5 -9.59 -8.91 36.24
C HIS G 5 -9.75 -10.06 35.26
N VAL G 6 -10.28 -9.75 34.06
CA VAL G 6 -10.47 -10.67 32.95
C VAL G 6 -10.00 -10.03 31.67
N ILE G 7 -9.03 -10.67 30.99
CA ILE G 7 -8.55 -10.29 29.66
C ILE G 7 -9.13 -11.32 28.65
N ILE G 8 -9.90 -10.87 27.64
CA ILE G 8 -10.47 -11.79 26.64
C ILE G 8 -9.95 -11.50 25.23
N GLN G 9 -9.35 -12.53 24.59
CA GLN G 9 -8.98 -12.50 23.19
C GLN G 9 -10.20 -13.16 22.52
N ALA G 10 -11.07 -12.37 21.90
CA ALA G 10 -12.29 -12.84 21.26
C ALA G 10 -12.24 -12.65 19.76
N GLU G 11 -12.61 -13.68 19.01
CA GLU G 11 -12.66 -13.72 17.54
C GLU G 11 -13.95 -14.39 17.12
N PHE G 12 -14.45 -14.02 15.94
CA PHE G 12 -15.61 -14.63 15.33
C PHE G 12 -15.48 -14.64 13.81
N TYR G 13 -16.17 -15.59 13.17
CA TYR G 13 -16.32 -15.63 11.73
C TYR G 13 -17.77 -15.93 11.44
N LEU G 14 -18.39 -15.18 10.50
CA LEU G 14 -19.79 -15.33 10.11
C LEU G 14 -19.96 -15.54 8.60
N ASN G 15 -20.75 -16.57 8.20
CA ASN G 15 -21.10 -16.92 6.82
C ASN G 15 -22.60 -16.79 6.67
N PRO G 16 -23.18 -16.42 5.49
CA PRO G 16 -22.55 -16.13 4.18
C PRO G 16 -21.87 -14.77 4.06
N ASP G 17 -22.02 -13.91 5.11
CA ASP G 17 -21.49 -12.53 5.16
C ASP G 17 -20.00 -12.45 4.93
N GLN G 18 -19.23 -13.48 5.32
CA GLN G 18 -17.75 -13.52 5.23
C GLN G 18 -17.15 -12.36 6.03
N SER G 19 -17.73 -12.10 7.23
CA SER G 19 -17.25 -11.05 8.08
C SER G 19 -16.72 -11.61 9.37
N GLY G 20 -15.43 -11.36 9.60
CA GLY G 20 -14.67 -11.80 10.77
C GLY G 20 -14.30 -10.66 11.70
N GLU G 21 -13.78 -10.99 12.88
CA GLU G 21 -13.40 -10.03 13.89
C GLU G 21 -12.42 -10.64 14.86
N PHE G 22 -11.45 -9.85 15.28
CA PHE G 22 -10.44 -10.21 16.26
C PHE G 22 -10.31 -9.00 17.19
N MET G 23 -10.46 -9.24 18.50
CA MET G 23 -10.38 -8.16 19.47
C MET G 23 -9.88 -8.63 20.86
N PHE G 24 -9.35 -7.69 21.70
CA PHE G 24 -8.91 -7.97 23.06
C PHE G 24 -9.67 -7.05 24.02
N ASP G 25 -10.34 -7.61 25.05
CA ASP G 25 -11.12 -6.83 26.03
C ASP G 25 -10.55 -7.00 27.41
N PHE G 26 -10.47 -5.91 28.19
CA PHE G 26 -10.04 -5.96 29.59
C PHE G 26 -11.22 -5.49 30.42
N ASP G 27 -11.77 -6.39 31.28
CA ASP G 27 -12.95 -6.16 32.13
C ASP G 27 -14.15 -5.55 31.37
N GLY G 28 -14.35 -5.98 30.12
CA GLY G 28 -15.48 -5.57 29.32
C GLY G 28 -15.19 -4.55 28.25
N ASP G 29 -14.11 -3.72 28.47
CA ASP G 29 -13.70 -2.62 27.58
C ASP G 29 -12.65 -3.08 26.60
N GLU G 30 -12.89 -2.79 25.28
CA GLU G 30 -12.00 -3.14 24.17
C GLU G 30 -10.63 -2.49 24.30
N ILE G 31 -9.55 -3.27 24.26
CA ILE G 31 -8.17 -2.74 24.26
C ILE G 31 -7.87 -2.32 22.80
N PHE G 32 -8.04 -3.28 21.88
CA PHE G 32 -7.85 -3.08 20.44
C PHE G 32 -8.64 -4.12 19.67
N HIS G 33 -8.72 -3.91 18.34
CA HIS G 33 -9.29 -4.83 17.36
C HIS G 33 -8.41 -4.78 16.13
N VAL G 34 -8.47 -5.80 15.30
CA VAL G 34 -7.66 -5.82 14.09
C VAL G 34 -8.60 -5.48 12.92
N ASP G 35 -8.31 -4.40 12.19
CA ASP G 35 -9.10 -3.99 11.02
C ASP G 35 -8.82 -5.03 9.93
N MET G 36 -9.86 -5.76 9.51
CA MET G 36 -9.71 -6.85 8.54
C MET G 36 -9.38 -6.35 7.14
N ALA G 37 -9.97 -5.23 6.72
CA ALA G 37 -9.76 -4.61 5.40
C ALA G 37 -8.34 -4.04 5.29
N LYS G 38 -7.97 -3.12 6.21
CA LYS G 38 -6.67 -2.45 6.25
C LYS G 38 -5.55 -3.35 6.77
N LYS G 39 -5.90 -4.49 7.41
CA LYS G 39 -4.97 -5.49 7.98
C LYS G 39 -4.02 -4.87 9.04
N GLU G 40 -4.57 -3.95 9.89
CA GLU G 40 -3.81 -3.25 10.95
C GLU G 40 -4.58 -3.07 12.29
N THR G 41 -3.81 -2.92 13.37
CA THR G 41 -4.30 -2.78 14.74
C THR G 41 -4.94 -1.41 14.99
N VAL G 42 -6.21 -1.43 15.48
CA VAL G 42 -6.94 -0.22 15.84
C VAL G 42 -7.11 -0.22 17.36
N TRP G 43 -6.33 0.63 18.05
CA TRP G 43 -6.35 0.79 19.50
C TRP G 43 -7.59 1.60 19.89
N ARG G 44 -8.33 1.17 20.95
CA ARG G 44 -9.54 1.85 21.44
C ARG G 44 -9.26 3.28 21.87
N LEU G 45 -8.16 3.49 22.60
CA LEU G 45 -7.69 4.81 23.00
C LEU G 45 -6.30 4.90 22.41
N GLU G 46 -5.92 6.08 21.88
CA GLU G 46 -4.62 6.29 21.23
C GLU G 46 -3.43 5.99 22.15
N GLU G 47 -3.55 6.30 23.47
CA GLU G 47 -2.57 6.08 24.52
C GLU G 47 -2.06 4.64 24.59
N PHE G 48 -2.95 3.66 24.33
CA PHE G 48 -2.68 2.22 24.31
C PHE G 48 -1.62 1.89 23.26
N GLY G 49 -1.70 2.56 22.12
CA GLY G 49 -0.78 2.41 21.00
C GLY G 49 0.64 2.90 21.27
N ARG G 50 0.80 3.80 22.26
CA ARG G 50 2.11 4.33 22.65
C ARG G 50 2.77 3.48 23.74
N PHE G 51 1.99 2.69 24.54
CA PHE G 51 2.55 1.85 25.63
C PHE G 51 2.61 0.33 25.32
N ALA G 52 1.86 -0.12 24.29
CA ALA G 52 1.86 -1.52 23.86
C ALA G 52 1.82 -1.61 22.35
N SER G 53 2.27 -2.77 21.82
CA SER G 53 2.33 -3.08 20.41
C SER G 53 1.63 -4.44 20.16
N PHE G 54 1.32 -4.71 18.89
CA PHE G 54 0.66 -5.91 18.44
C PHE G 54 1.05 -6.26 16.99
N GLU G 55 1.21 -7.56 16.69
CA GLU G 55 1.50 -8.12 15.37
C GLU G 55 0.18 -8.68 14.82
N ALA G 56 -0.50 -7.94 13.94
CA ALA G 56 -1.79 -8.33 13.38
C ALA G 56 -1.78 -9.59 12.50
N GLN G 57 -0.61 -10.00 11.98
CA GLN G 57 -0.43 -11.19 11.12
C GLN G 57 -0.97 -12.41 11.82
N GLY G 58 -0.68 -12.54 13.12
CA GLY G 58 -1.10 -13.64 14.00
C GLY G 58 -2.61 -13.67 14.18
N ALA G 59 -3.24 -12.49 14.26
CA ALA G 59 -4.68 -12.29 14.37
C ALA G 59 -5.35 -12.69 13.09
N LEU G 60 -4.76 -12.38 11.93
CA LEU G 60 -5.35 -12.73 10.62
C LEU G 60 -5.20 -14.24 10.29
N ALA G 61 -4.17 -14.90 10.85
CA ALA G 61 -3.95 -16.33 10.67
C ALA G 61 -5.02 -17.08 11.46
N ASN G 62 -5.35 -16.59 12.67
CA ASN G 62 -6.42 -17.15 13.51
C ASN G 62 -7.73 -17.08 12.80
N ILE G 63 -8.03 -15.95 12.12
CA ILE G 63 -9.29 -15.77 11.40
C ILE G 63 -9.45 -16.77 10.24
N ALA G 64 -8.33 -17.12 9.55
CA ALA G 64 -8.33 -18.10 8.44
C ALA G 64 -8.75 -19.48 8.95
N VAL G 65 -8.29 -19.86 10.16
CA VAL G 65 -8.63 -21.08 10.90
C VAL G 65 -10.13 -21.00 11.38
N ASP G 66 -10.62 -19.81 11.88
CA ASP G 66 -12.02 -19.63 12.34
C ASP G 66 -12.95 -19.90 11.16
N LYS G 67 -12.63 -19.34 9.96
CA LYS G 67 -13.36 -19.51 8.72
C LYS G 67 -13.43 -20.99 8.36
N ALA G 68 -12.23 -21.68 8.39
CA ALA G 68 -12.06 -23.10 8.08
C ALA G 68 -12.89 -23.97 9.04
N ASN G 69 -12.88 -23.64 10.37
CA ASN G 69 -13.64 -24.37 11.40
C ASN G 69 -15.12 -24.08 11.32
N LEU G 70 -15.51 -22.88 10.89
CA LEU G 70 -16.94 -22.58 10.73
C LEU G 70 -17.51 -23.48 9.65
N GLU G 71 -16.77 -23.67 8.55
CA GLU G 71 -17.17 -24.51 7.41
C GLU G 71 -17.27 -25.99 7.77
N ILE G 72 -16.41 -26.48 8.70
CA ILE G 72 -16.42 -27.84 9.25
C ILE G 72 -17.67 -28.02 10.11
N MET G 73 -17.93 -27.09 11.04
CA MET G 73 -19.08 -27.11 11.95
C MET G 73 -20.39 -26.98 11.22
N THR G 74 -20.46 -26.11 10.19
CA THR G 74 -21.65 -25.92 9.35
C THR G 74 -22.10 -27.28 8.77
N LYS G 75 -21.19 -28.04 8.11
CA LYS G 75 -21.43 -29.39 7.58
C LYS G 75 -21.79 -30.38 8.70
N ARG G 76 -20.95 -30.45 9.78
CA ARG G 76 -21.10 -31.36 10.94
C ARG G 76 -22.48 -31.27 11.59
N SER G 77 -23.00 -30.05 11.78
CA SER G 77 -24.31 -29.76 12.38
C SER G 77 -25.45 -29.93 11.39
N ASN G 78 -25.19 -30.54 10.20
CA ASN G 78 -26.17 -30.76 9.11
C ASN G 78 -26.85 -29.44 8.70
N TYR G 79 -26.00 -28.39 8.55
CA TYR G 79 -26.30 -27.00 8.16
C TYR G 79 -27.32 -26.33 9.07
N THR G 80 -27.18 -26.52 10.41
CA THR G 80 -28.07 -25.88 11.40
C THR G 80 -27.67 -24.40 11.50
N PRO G 81 -28.57 -23.47 11.15
CA PRO G 81 -28.20 -22.05 11.24
C PRO G 81 -28.52 -21.40 12.59
N ILE G 82 -27.96 -20.19 12.79
CA ILE G 82 -28.17 -19.37 13.98
C ILE G 82 -29.62 -18.91 14.01
N THR G 83 -30.21 -18.94 15.22
CA THR G 83 -31.53 -18.42 15.54
C THR G 83 -31.24 -16.98 15.93
N ASN G 84 -31.86 -16.04 15.22
CA ASN G 84 -31.71 -14.61 15.45
C ASN G 84 -32.27 -14.26 16.82
N VAL G 85 -31.46 -13.55 17.63
CA VAL G 85 -31.79 -13.02 18.95
C VAL G 85 -31.78 -11.49 18.75
N PRO G 86 -32.95 -10.82 18.84
CA PRO G 86 -32.98 -9.36 18.61
C PRO G 86 -32.41 -8.55 19.77
N PRO G 87 -31.93 -7.31 19.52
CA PRO G 87 -31.26 -6.57 20.62
C PRO G 87 -32.15 -5.78 21.56
N GLU G 88 -31.60 -5.52 22.76
CA GLU G 88 -32.16 -4.69 23.82
C GLU G 88 -31.48 -3.32 23.63
N VAL G 89 -32.22 -2.34 23.13
CA VAL G 89 -31.64 -1.02 22.84
C VAL G 89 -31.93 -0.01 24.01
N THR G 90 -30.92 0.78 24.39
CA THR G 90 -31.01 1.79 25.45
C THR G 90 -30.27 3.03 25.01
N VAL G 91 -30.95 4.18 25.02
CA VAL G 91 -30.35 5.48 24.73
C VAL G 91 -30.11 6.23 26.08
N LEU G 92 -28.90 6.73 26.27
CA LEU G 92 -28.52 7.43 27.50
C LEU G 92 -27.45 8.48 27.20
N THR G 93 -27.17 9.39 28.15
CA THR G 93 -26.11 10.38 27.96
C THR G 93 -24.87 10.00 28.77
N ASN G 94 -23.72 10.54 28.35
CA ASN G 94 -22.44 10.29 28.99
C ASN G 94 -22.36 10.92 30.41
N SER G 95 -23.07 12.05 30.63
CA SER G 95 -23.11 12.81 31.86
C SER G 95 -24.48 13.48 32.01
N PRO G 96 -24.86 14.05 33.21
CA PRO G 96 -26.17 14.72 33.33
C PRO G 96 -26.27 15.86 32.33
N VAL G 97 -27.42 15.95 31.67
CA VAL G 97 -27.71 16.91 30.61
C VAL G 97 -28.00 18.31 31.15
N GLU G 98 -27.33 19.33 30.56
CA GLU G 98 -27.52 20.75 30.86
C GLU G 98 -27.66 21.47 29.53
N LEU G 99 -28.57 22.46 29.43
CA LEU G 99 -28.79 23.19 28.19
C LEU G 99 -27.53 23.93 27.71
N ARG G 100 -27.21 23.79 26.39
CA ARG G 100 -26.06 24.42 25.70
C ARG G 100 -24.67 23.89 26.14
N GLU G 101 -24.63 22.87 27.01
CA GLU G 101 -23.37 22.31 27.49
C GLU G 101 -23.11 21.03 26.71
N PRO G 102 -22.08 20.97 25.81
CA PRO G 102 -21.86 19.76 24.99
C PRO G 102 -21.85 18.46 25.76
N ASN G 103 -22.54 17.45 25.21
CA ASN G 103 -22.66 16.10 25.79
C ASN G 103 -22.55 15.04 24.68
N VAL G 104 -22.72 13.76 25.03
CA VAL G 104 -22.63 12.63 24.10
C VAL G 104 -23.80 11.70 24.35
N LEU G 105 -24.55 11.37 23.30
CA LEU G 105 -25.65 10.41 23.35
C LEU G 105 -25.06 9.07 23.01
N ILE G 106 -25.38 8.06 23.84
CA ILE G 106 -24.91 6.68 23.70
C ILE G 106 -26.11 5.80 23.35
N CYS G 107 -25.96 4.95 22.33
CA CYS G 107 -26.95 3.95 21.96
C CYS G 107 -26.39 2.60 22.33
N PHE G 108 -26.84 2.02 23.44
CA PHE G 108 -26.36 0.72 23.85
C PHE G 108 -27.25 -0.42 23.32
N ILE G 109 -26.74 -1.14 22.31
CA ILE G 109 -27.38 -2.29 21.63
C ILE G 109 -26.75 -3.53 22.29
N ASP G 110 -27.57 -4.30 23.02
CA ASP G 110 -27.14 -5.41 23.86
C ASP G 110 -27.96 -6.70 23.61
N LYS G 111 -27.39 -7.88 23.98
CA LYS G 111 -28.00 -9.21 23.90
C LYS G 111 -28.51 -9.58 22.50
N PHE G 112 -27.62 -9.54 21.46
CA PHE G 112 -28.00 -9.90 20.08
C PHE G 112 -27.00 -10.81 19.37
N THR G 113 -27.53 -11.55 18.37
CA THR G 113 -26.81 -12.48 17.50
C THR G 113 -27.65 -12.70 16.23
N PRO G 114 -27.05 -12.80 15.03
CA PRO G 114 -25.62 -12.74 14.71
C PRO G 114 -25.01 -11.31 14.85
N PRO G 115 -23.67 -11.16 14.82
CA PRO G 115 -23.08 -9.80 14.94
C PRO G 115 -23.16 -8.96 13.65
N VAL G 116 -24.39 -8.55 13.26
CA VAL G 116 -24.66 -7.69 12.13
C VAL G 116 -25.91 -6.81 12.45
N VAL G 117 -25.70 -5.48 12.57
CA VAL G 117 -26.72 -4.46 12.84
C VAL G 117 -26.47 -3.25 11.98
N ASN G 118 -27.52 -2.43 11.84
CA ASN G 118 -27.52 -1.11 11.21
C ASN G 118 -27.99 -0.17 12.31
N VAL G 119 -27.17 0.82 12.70
CA VAL G 119 -27.54 1.82 13.71
C VAL G 119 -27.45 3.19 13.07
N THR G 120 -28.54 3.94 13.15
CA THR G 120 -28.64 5.28 12.61
C THR G 120 -29.19 6.24 13.67
N TRP G 121 -28.56 7.40 13.75
CA TRP G 121 -28.99 8.44 14.67
C TRP G 121 -29.85 9.39 13.88
N LEU G 122 -30.97 9.83 14.47
CA LEU G 122 -31.89 10.76 13.83
C LEU G 122 -32.08 11.97 14.75
N ARG G 123 -31.79 13.18 14.24
CA ARG G 123 -32.05 14.42 14.94
C ARG G 123 -33.30 14.97 14.22
N ASN G 124 -34.41 15.10 15.00
CA ASN G 124 -35.72 15.56 14.51
C ASN G 124 -36.13 14.82 13.22
N GLY G 125 -36.12 13.49 13.29
CA GLY G 125 -36.51 12.65 12.16
C GLY G 125 -35.52 12.46 11.03
N LYS G 126 -34.53 13.37 10.85
CA LYS G 126 -33.55 13.26 9.76
C LYS G 126 -32.21 12.62 10.20
N PRO G 127 -31.63 11.70 9.39
CA PRO G 127 -30.40 11.01 9.81
C PRO G 127 -29.12 11.87 9.90
N VAL G 128 -28.53 11.94 11.12
CA VAL G 128 -27.28 12.66 11.37
C VAL G 128 -26.09 11.70 11.18
N THR G 129 -25.44 11.80 10.01
CA THR G 129 -24.30 10.97 9.59
C THR G 129 -22.97 11.68 9.80
N THR G 130 -22.94 12.70 10.69
CA THR G 130 -21.75 13.48 10.92
C THR G 130 -21.49 13.67 12.43
N GLY G 131 -20.24 13.43 12.82
CA GLY G 131 -19.75 13.52 14.20
C GLY G 131 -19.87 12.23 15.00
N VAL G 132 -20.61 11.23 14.44
CA VAL G 132 -20.90 9.91 15.01
C VAL G 132 -19.66 9.01 15.09
N SER G 133 -19.66 8.06 16.04
CA SER G 133 -18.64 7.01 16.19
C SER G 133 -19.29 5.74 16.76
N GLU G 134 -18.62 4.58 16.61
CA GLU G 134 -19.11 3.28 17.07
C GLU G 134 -18.00 2.36 17.59
N THR G 135 -18.40 1.26 18.22
CA THR G 135 -17.45 0.27 18.70
C THR G 135 -17.67 -0.95 17.82
N VAL G 136 -16.78 -1.96 17.93
CA VAL G 136 -16.94 -3.23 17.23
C VAL G 136 -17.99 -4.06 18.05
N PHE G 137 -18.24 -5.31 17.65
CA PHE G 137 -19.17 -6.19 18.36
C PHE G 137 -18.40 -6.75 19.55
N LEU G 138 -18.75 -6.30 20.74
CA LEU G 138 -18.10 -6.74 21.99
C LEU G 138 -18.71 -8.05 22.49
N PRO G 139 -17.90 -9.00 23.04
CA PRO G 139 -18.49 -10.28 23.47
C PRO G 139 -19.31 -10.26 24.78
N ARG G 140 -20.11 -11.32 24.99
CA ARG G 140 -20.93 -11.51 26.17
C ARG G 140 -20.76 -12.92 26.68
N GLU G 141 -20.98 -13.15 27.98
CA GLU G 141 -20.88 -14.47 28.61
C GLU G 141 -21.92 -15.45 28.07
N ASP G 142 -23.11 -14.98 27.65
CA ASP G 142 -24.15 -15.83 27.05
C ASP G 142 -23.87 -16.16 25.55
N HIS G 143 -22.73 -15.64 25.03
CA HIS G 143 -22.17 -15.75 23.69
C HIS G 143 -22.96 -14.96 22.65
N LEU G 144 -23.70 -13.91 23.15
CA LEU G 144 -24.37 -12.91 22.34
C LEU G 144 -23.39 -11.72 22.24
N PHE G 145 -23.85 -10.57 21.71
CA PHE G 145 -23.00 -9.41 21.49
C PHE G 145 -23.58 -8.16 22.06
N ARG G 146 -22.71 -7.18 22.28
N ARG G 146 -22.71 -7.18 22.27
CA ARG G 146 -23.06 -5.83 22.69
CA ARG G 146 -23.01 -5.83 22.74
C ARG G 146 -22.26 -4.85 21.83
C ARG G 146 -22.26 -4.87 21.80
N LYS G 147 -22.79 -3.64 21.65
CA LYS G 147 -22.19 -2.62 20.77
C LYS G 147 -22.66 -1.27 21.27
N PHE G 148 -21.89 -0.21 21.00
CA PHE G 148 -22.21 1.16 21.40
C PHE G 148 -22.00 2.07 20.22
N HIS G 149 -22.91 3.04 20.06
CA HIS G 149 -22.89 4.10 19.05
C HIS G 149 -22.97 5.44 19.75
N TYR G 150 -22.10 6.38 19.37
CA TYR G 150 -22.00 7.70 20.04
C TYR G 150 -22.36 8.86 19.13
N LEU G 151 -23.01 9.85 19.73
CA LEU G 151 -23.39 11.08 19.05
C LEU G 151 -23.12 12.30 19.93
N PRO G 152 -21.98 13.01 19.70
CA PRO G 152 -21.73 14.26 20.43
C PRO G 152 -22.81 15.27 20.03
N PHE G 153 -23.54 15.80 21.02
CA PHE G 153 -24.60 16.77 20.73
C PHE G 153 -24.56 18.02 21.69
N LEU G 154 -25.37 19.05 21.37
CA LEU G 154 -25.54 20.24 22.17
C LEU G 154 -26.95 20.28 22.70
N PRO G 155 -27.14 19.91 23.98
CA PRO G 155 -28.50 19.91 24.57
C PRO G 155 -29.32 21.16 24.30
N SER G 156 -30.50 20.95 23.73
CA SER G 156 -31.48 21.96 23.33
C SER G 156 -32.87 21.56 23.85
N THR G 157 -33.82 22.52 23.82
CA THR G 157 -35.23 22.34 24.20
C THR G 157 -36.09 22.03 22.94
N GLU G 158 -35.72 22.59 21.77
CA GLU G 158 -36.40 22.42 20.47
C GLU G 158 -35.80 21.27 19.61
N ASP G 159 -35.02 20.35 20.23
CA ASP G 159 -34.36 19.22 19.53
C ASP G 159 -34.73 17.86 20.15
N VAL G 160 -35.17 16.90 19.29
CA VAL G 160 -35.53 15.49 19.63
C VAL G 160 -34.62 14.50 18.91
N TYR G 161 -34.21 13.45 19.63
CA TYR G 161 -33.33 12.40 19.11
C TYR G 161 -33.91 11.00 19.14
N ASP G 162 -33.51 10.20 18.16
CA ASP G 162 -33.89 8.82 18.02
C ASP G 162 -32.71 7.97 17.55
N CYS G 163 -32.61 6.74 18.07
CA CYS G 163 -31.62 5.75 17.67
C CYS G 163 -32.40 4.69 16.91
N ARG G 164 -32.14 4.52 15.61
CA ARG G 164 -32.82 3.51 14.79
C ARG G 164 -31.92 2.29 14.58
N VAL G 165 -32.32 1.17 15.16
CA VAL G 165 -31.60 -0.10 15.10
C VAL G 165 -32.35 -1.09 14.21
N GLU G 166 -31.64 -1.59 13.20
CA GLU G 166 -32.12 -2.64 12.32
C GLU G 166 -31.31 -3.92 12.64
N HIS G 167 -32.01 -5.05 12.80
CA HIS G 167 -31.44 -6.38 13.06
C HIS G 167 -32.41 -7.42 12.48
N TRP G 168 -31.91 -8.56 11.95
CA TRP G 168 -32.72 -9.63 11.38
C TRP G 168 -33.69 -10.32 12.37
N GLY G 169 -33.43 -10.20 13.67
CA GLY G 169 -34.28 -10.73 14.73
C GLY G 169 -35.48 -9.87 15.06
N LEU G 170 -35.52 -8.66 14.48
CA LEU G 170 -36.57 -7.65 14.64
C LEU G 170 -37.44 -7.61 13.37
N ASP G 171 -38.77 -7.51 13.54
CA ASP G 171 -39.69 -7.44 12.40
C ASP G 171 -39.61 -6.07 11.71
N GLU G 172 -39.63 -5.02 12.52
CA GLU G 172 -39.51 -3.62 12.06
C GLU G 172 -38.38 -2.90 12.84
N PRO G 173 -37.74 -1.80 12.31
CA PRO G 173 -36.69 -1.11 13.08
C PRO G 173 -37.12 -0.70 14.49
N LEU G 174 -36.17 -0.80 15.45
CA LEU G 174 -36.41 -0.44 16.83
C LEU G 174 -35.94 0.99 16.95
N LEU G 175 -36.84 1.90 17.36
CA LEU G 175 -36.55 3.32 17.51
C LEU G 175 -36.58 3.70 18.97
N LYS G 176 -35.44 4.18 19.49
CA LYS G 176 -35.33 4.60 20.88
C LYS G 176 -35.13 6.10 20.95
N HIS G 177 -36.09 6.77 21.61
CA HIS G 177 -36.21 8.22 21.73
C HIS G 177 -35.49 8.78 22.94
N TRP G 178 -35.05 10.04 22.78
CA TRP G 178 -34.41 10.89 23.78
C TRP G 178 -34.71 12.36 23.46
N GLU G 179 -35.08 13.08 24.51
CA GLU G 179 -35.33 14.51 24.49
C GLU G 179 -35.14 15.11 25.89
N PHE G 180 -34.73 16.37 25.94
CA PHE G 180 -34.48 17.12 27.18
C PHE G 180 -35.78 17.35 27.97
N ASP G 181 -35.80 17.03 29.27
CA ASP G 181 -37.00 17.23 30.10
C ASP G 181 -36.94 18.50 30.95
N THR G 182 -38.10 19.22 31.06
CA THR G 182 -38.33 20.46 31.83
C THR G 182 -37.45 21.60 31.25
N ASP H 1 -32.68 -9.30 5.02
CA ASP H 1 -32.05 -10.54 4.56
C ASP H 1 -32.53 -11.67 5.42
N THR H 2 -33.09 -12.68 4.75
CA THR H 2 -33.68 -13.84 5.40
C THR H 2 -32.86 -15.18 5.27
N ARG H 3 -31.76 -15.20 4.47
CA ARG H 3 -30.90 -16.36 4.22
C ARG H 3 -30.28 -16.85 5.53
N PRO H 4 -29.99 -18.16 5.68
CA PRO H 4 -29.44 -18.62 6.98
C PRO H 4 -28.03 -18.15 7.24
N ARG H 5 -27.70 -17.95 8.54
CA ARG H 5 -26.35 -17.57 9.01
C ARG H 5 -25.75 -18.65 9.87
N PHE H 6 -24.42 -18.81 9.77
CA PHE H 6 -23.60 -19.78 10.50
C PHE H 6 -22.49 -18.99 11.17
N LEU H 7 -22.40 -19.07 12.49
CA LEU H 7 -21.42 -18.31 13.26
C LEU H 7 -20.50 -19.21 14.07
N TRP H 8 -19.19 -18.89 14.09
CA TRP H 8 -18.16 -19.56 14.85
C TRP H 8 -17.39 -18.52 15.71
N GLN H 9 -17.36 -18.71 17.03
CA GLN H 9 -16.65 -17.83 17.95
C GLN H 9 -15.59 -18.62 18.70
N LEU H 10 -14.43 -17.97 18.89
CA LEU H 10 -13.30 -18.53 19.62
C LEU H 10 -12.87 -17.48 20.67
N LYS H 11 -12.85 -17.88 21.95
CA LYS H 11 -12.58 -16.99 23.07
C LYS H 11 -11.54 -17.57 23.98
N PHE H 12 -10.52 -16.79 24.33
CA PHE H 12 -9.51 -17.19 25.31
C PHE H 12 -9.71 -16.20 26.44
N GLU H 13 -10.17 -16.71 27.59
CA GLU H 13 -10.43 -15.85 28.73
C GLU H 13 -9.36 -16.08 29.78
N CYS H 14 -8.63 -15.03 30.14
CA CYS H 14 -7.60 -15.07 31.19
C CYS H 14 -8.21 -14.40 32.41
N HIS H 15 -8.49 -15.18 33.48
CA HIS H 15 -9.12 -14.70 34.73
C HIS H 15 -8.03 -14.57 35.77
N PHE H 16 -7.84 -13.36 36.35
CA PHE H 16 -6.81 -13.03 37.34
C PHE H 16 -7.42 -12.69 38.69
N PHE H 17 -6.94 -13.39 39.75
CA PHE H 17 -7.35 -13.28 41.16
C PHE H 17 -6.10 -12.87 41.95
N ASN H 18 -6.19 -11.78 42.77
CA ASN H 18 -5.08 -11.22 43.54
C ASN H 18 -3.93 -10.93 42.58
N GLY H 19 -4.20 -10.08 41.60
CA GLY H 19 -3.23 -9.71 40.57
C GLY H 19 -2.94 -10.90 39.68
N THR H 20 -1.67 -11.40 39.70
CA THR H 20 -1.29 -12.60 38.93
C THR H 20 -0.94 -13.78 39.83
N GLU H 21 -1.41 -13.74 41.10
CA GLU H 21 -1.21 -14.80 42.11
C GLU H 21 -1.89 -16.07 41.58
N ARG H 22 -3.21 -16.01 41.32
CA ARG H 22 -3.96 -17.13 40.75
C ARG H 22 -4.55 -16.72 39.40
N VAL H 23 -4.24 -17.50 38.36
CA VAL H 23 -4.67 -17.26 36.99
C VAL H 23 -5.39 -18.52 36.42
N ARG H 24 -6.44 -18.28 35.63
CA ARG H 24 -7.19 -19.34 34.98
C ARG H 24 -7.45 -18.99 33.49
N LEU H 25 -7.10 -19.93 32.59
CA LEU H 25 -7.33 -19.81 31.15
C LEU H 25 -8.57 -20.62 30.80
N LEU H 26 -9.50 -20.00 30.04
CA LEU H 26 -10.73 -20.61 29.55
C LEU H 26 -10.80 -20.46 28.02
N GLU H 27 -10.34 -21.48 27.28
CA GLU H 27 -10.51 -21.50 25.81
C GLU H 27 -11.95 -21.95 25.58
N ARG H 28 -12.69 -21.33 24.66
CA ARG H 28 -14.10 -21.68 24.42
C ARG H 28 -14.43 -21.61 22.95
N CYS H 29 -14.95 -22.69 22.38
CA CYS H 29 -15.38 -22.73 20.97
C CYS H 29 -16.91 -22.79 21.02
N ILE H 30 -17.56 -21.80 20.39
CA ILE H 30 -19.02 -21.58 20.34
C ILE H 30 -19.51 -21.64 18.86
N TYR H 31 -20.34 -22.65 18.55
CA TYR H 31 -20.95 -22.75 17.23
C TYR H 31 -22.33 -22.18 17.42
N ASN H 32 -22.62 -21.08 16.69
CA ASN H 32 -23.86 -20.31 16.71
C ASN H 32 -24.05 -19.66 18.11
N GLN H 33 -24.79 -20.30 19.02
CA GLN H 33 -24.98 -19.78 20.37
C GLN H 33 -24.73 -20.83 21.43
N GLU H 34 -24.29 -22.00 20.98
CA GLU H 34 -23.97 -23.15 21.81
C GLU H 34 -22.47 -23.37 21.87
N GLU H 35 -21.91 -23.25 23.08
CA GLU H 35 -20.52 -23.57 23.39
C GLU H 35 -20.48 -25.10 23.27
N SER H 36 -19.58 -25.61 22.39
CA SER H 36 -19.39 -27.01 22.03
C SER H 36 -18.19 -27.71 22.64
N VAL H 37 -17.07 -27.02 22.81
CA VAL H 37 -15.83 -27.59 23.39
C VAL H 37 -15.03 -26.50 24.15
N ARG H 38 -14.23 -26.91 25.15
CA ARG H 38 -13.43 -25.97 25.93
C ARG H 38 -12.22 -26.59 26.62
N PHE H 39 -11.17 -25.78 26.79
CA PHE H 39 -10.00 -26.11 27.61
C PHE H 39 -10.08 -25.15 28.80
N ASP H 40 -10.06 -25.73 30.00
CA ASP H 40 -10.03 -25.03 31.28
C ASP H 40 -8.70 -25.45 31.93
N SER H 41 -7.86 -24.47 32.27
CA SER H 41 -6.55 -24.73 32.88
C SER H 41 -6.66 -25.46 34.24
N ASP H 42 -7.80 -25.30 34.93
CA ASP H 42 -8.10 -25.98 36.19
C ASP H 42 -8.40 -27.48 35.99
N VAL H 43 -8.73 -27.89 34.75
CA VAL H 43 -9.00 -29.27 34.33
C VAL H 43 -7.70 -29.86 33.70
N GLY H 44 -7.06 -29.12 32.79
CA GLY H 44 -5.82 -29.55 32.15
C GLY H 44 -6.02 -30.16 30.77
N GLU H 45 -7.30 -30.34 30.33
CA GLU H 45 -7.57 -30.91 29.01
C GLU H 45 -8.90 -30.44 28.41
N TYR H 46 -9.07 -30.70 27.09
CA TYR H 46 -10.31 -30.32 26.37
C TYR H 46 -11.46 -31.20 26.77
N ARG H 47 -12.62 -30.55 26.96
CA ARG H 47 -13.87 -31.18 27.37
C ARG H 47 -14.98 -30.72 26.43
N ALA H 48 -15.74 -31.67 25.85
CA ALA H 48 -16.87 -31.37 24.98
C ALA H 48 -18.03 -30.91 25.88
N VAL H 49 -18.68 -29.81 25.47
CA VAL H 49 -19.81 -29.26 26.22
C VAL H 49 -21.12 -29.80 25.56
N THR H 50 -21.07 -30.09 24.25
CA THR H 50 -22.17 -30.64 23.47
C THR H 50 -21.67 -31.77 22.59
N GLU H 51 -22.57 -32.56 21.98
CA GLU H 51 -22.20 -33.68 21.11
C GLU H 51 -21.32 -33.20 19.94
N LEU H 52 -21.62 -32.02 19.42
CA LEU H 52 -20.91 -31.38 18.32
C LEU H 52 -19.41 -31.20 18.58
N GLY H 53 -19.04 -30.93 19.83
CA GLY H 53 -17.65 -30.73 20.23
C GLY H 53 -16.86 -31.97 20.58
N ARG H 54 -17.51 -33.15 20.65
CA ARG H 54 -16.84 -34.44 20.97
C ARG H 54 -15.67 -34.80 20.03
N PRO H 55 -15.79 -34.67 18.66
CA PRO H 55 -14.63 -34.97 17.80
C PRO H 55 -13.40 -34.09 18.08
N ASP H 56 -13.62 -32.79 18.40
CA ASP H 56 -12.58 -31.80 18.70
C ASP H 56 -11.88 -32.06 20.03
N ALA H 57 -12.63 -32.27 21.15
CA ALA H 57 -12.04 -32.59 22.47
C ALA H 57 -11.12 -33.81 22.35
N GLU H 58 -11.57 -34.82 21.61
CA GLU H 58 -10.90 -36.08 21.29
C GLU H 58 -9.68 -35.83 20.42
N TYR H 59 -9.83 -35.05 19.34
CA TYR H 59 -8.73 -34.75 18.42
C TYR H 59 -7.63 -33.93 19.06
N TRP H 60 -7.97 -32.83 19.74
CA TRP H 60 -7.03 -31.91 20.37
C TRP H 60 -6.33 -32.51 21.59
N ASN H 61 -7.01 -33.40 22.33
CA ASN H 61 -6.40 -34.06 23.48
C ASN H 61 -5.38 -35.14 23.07
N SER H 62 -5.43 -35.60 21.80
CA SER H 62 -4.52 -36.61 21.25
C SER H 62 -3.17 -35.98 20.79
N GLN H 63 -3.08 -34.64 20.82
CA GLN H 63 -1.91 -33.88 20.41
C GLN H 63 -1.24 -33.30 21.66
N LYS H 64 -0.29 -34.05 22.24
CA LYS H 64 0.39 -33.67 23.49
C LYS H 64 1.02 -32.26 23.45
N ASP H 65 1.65 -31.84 22.30
CA ASP H 65 2.29 -30.52 22.19
C ASP H 65 1.30 -29.40 22.50
N LEU H 66 0.01 -29.59 22.08
CA LEU H 66 -1.11 -28.64 22.28
C LEU H 66 -1.37 -28.50 23.74
N LEU H 67 -1.67 -29.60 24.41
CA LEU H 67 -1.95 -29.61 25.86
C LEU H 67 -0.76 -29.06 26.65
N GLU H 68 0.47 -29.35 26.20
CA GLU H 68 1.69 -28.88 26.83
C GLU H 68 1.76 -27.33 26.81
N GLN H 69 1.50 -26.71 25.63
CA GLN H 69 1.52 -25.26 25.43
C GLN H 69 0.38 -24.55 26.12
N ARG H 70 -0.77 -25.21 26.22
CA ARG H 70 -2.03 -24.74 26.77
C ARG H 70 -1.97 -24.74 28.28
N ARG H 71 -1.34 -25.79 28.85
CA ARG H 71 -1.19 -25.86 30.30
C ARG H 71 -0.20 -24.78 30.75
N ALA H 72 0.81 -24.48 29.90
CA ALA H 72 1.84 -23.46 30.07
C ALA H 72 1.33 -22.07 29.73
N ALA H 73 0.15 -21.94 29.09
CA ALA H 73 -0.38 -20.64 28.65
C ALA H 73 -0.70 -19.65 29.76
N VAL H 74 -0.96 -20.13 30.99
CA VAL H 74 -1.27 -19.23 32.11
C VAL H 74 -0.06 -18.34 32.44
N ASP H 75 1.15 -18.81 32.10
CA ASP H 75 2.38 -18.05 32.29
C ASP H 75 2.82 -17.37 31.00
N THR H 76 2.88 -18.12 29.86
CA THR H 76 3.35 -17.59 28.57
C THR H 76 2.43 -16.57 27.95
N TYR H 77 1.12 -16.74 28.16
CA TYR H 77 0.13 -15.89 27.53
C TYR H 77 -0.62 -15.00 28.55
N CYS H 78 -1.34 -15.58 29.52
CA CYS H 78 -2.10 -14.82 30.50
C CYS H 78 -1.23 -13.82 31.32
N ARG H 79 -0.20 -14.30 32.01
CA ARG H 79 0.64 -13.43 32.81
C ARG H 79 1.43 -12.44 31.92
N HIS H 80 1.80 -12.88 30.71
CA HIS H 80 2.50 -12.02 29.77
C HIS H 80 1.64 -10.82 29.40
N ASN H 81 0.46 -11.06 28.76
CA ASN H 81 -0.47 -10.03 28.32
C ASN H 81 -0.87 -9.08 29.43
N TYR H 82 -1.22 -9.58 30.65
CA TYR H 82 -1.53 -8.80 31.86
C TYR H 82 -0.45 -7.75 32.15
N GLY H 83 0.83 -8.11 31.99
CA GLY H 83 1.98 -7.22 32.17
C GLY H 83 2.18 -6.22 31.06
N VAL H 84 1.93 -6.63 29.80
CA VAL H 84 2.06 -5.78 28.58
C VAL H 84 1.22 -4.49 28.70
N GLY H 85 0.01 -4.60 29.28
CA GLY H 85 -0.94 -3.50 29.44
C GLY H 85 -1.26 -3.01 30.84
N GLU H 86 -0.54 -3.48 31.86
CA GLU H 86 -0.77 -3.09 33.26
C GLU H 86 -0.84 -1.56 33.53
N SER H 87 0.09 -0.77 32.97
CA SER H 87 0.13 0.69 33.20
C SER H 87 -1.12 1.47 32.73
N PHE H 88 -1.82 0.98 31.68
CA PHE H 88 -3.01 1.66 31.15
C PHE H 88 -4.32 0.91 31.36
N THR H 89 -4.26 -0.28 31.99
CA THR H 89 -5.45 -1.09 32.29
C THR H 89 -5.63 -1.16 33.80
N VAL H 90 -4.88 -2.05 34.50
CA VAL H 90 -4.88 -2.25 35.97
C VAL H 90 -4.66 -0.94 36.73
N GLN H 91 -3.66 -0.15 36.30
CA GLN H 91 -3.27 1.12 36.92
C GLN H 91 -4.01 2.35 36.39
N ARG H 92 -4.97 2.20 35.45
CA ARG H 92 -5.73 3.32 34.90
C ARG H 92 -6.63 3.93 35.99
N ARG H 93 -6.54 5.26 36.17
CA ARG H 93 -7.31 6.01 37.16
C ARG H 93 -7.84 7.24 36.51
N VAL H 94 -9.16 7.42 36.47
CA VAL H 94 -9.82 8.60 35.90
C VAL H 94 -10.76 9.12 36.97
N GLU H 95 -10.58 10.38 37.36
CA GLU H 95 -11.37 11.01 38.40
C GLU H 95 -12.83 11.26 37.98
N PRO H 96 -13.81 10.86 38.84
CA PRO H 96 -15.23 11.09 38.50
C PRO H 96 -15.68 12.53 38.68
N LYS H 97 -16.66 12.95 37.88
CA LYS H 97 -17.29 14.26 37.94
C LYS H 97 -18.63 14.06 38.73
N VAL H 98 -18.68 14.55 39.98
CA VAL H 98 -19.86 14.44 40.87
C VAL H 98 -20.77 15.67 40.79
N THR H 99 -22.08 15.43 40.61
CA THR H 99 -23.16 16.40 40.44
C THR H 99 -24.42 15.97 41.23
N VAL H 100 -24.96 16.87 42.08
CA VAL H 100 -26.18 16.65 42.88
C VAL H 100 -27.27 17.56 42.32
N TYR H 101 -28.44 16.99 42.02
CA TYR H 101 -29.59 17.71 41.48
C TYR H 101 -30.93 17.07 41.86
N PRO H 102 -32.01 17.86 42.09
CA PRO H 102 -33.31 17.23 42.39
C PRO H 102 -34.07 16.80 41.13
N SER H 103 -34.70 15.60 41.18
CA SER H 103 -35.54 15.09 40.11
C SER H 103 -36.99 15.36 40.54
N LYS H 104 -37.60 16.41 39.94
CA LYS H 104 -38.96 16.86 40.27
C LYS H 104 -39.90 16.87 39.04
N ASN H 112 -40.70 12.90 45.80
CA ASN H 112 -39.55 13.70 45.35
C ASN H 112 -38.28 12.84 45.47
N LEU H 113 -37.29 13.10 44.59
CA LEU H 113 -36.00 12.39 44.53
C LEU H 113 -34.85 13.35 44.49
N LEU H 114 -33.72 12.97 45.09
CA LEU H 114 -32.49 13.76 45.03
C LEU H 114 -31.42 12.88 44.36
N VAL H 115 -30.98 13.26 43.15
CA VAL H 115 -30.04 12.49 42.32
C VAL H 115 -28.57 12.87 42.53
N CYS H 116 -27.68 11.84 42.65
CA CYS H 116 -26.24 12.02 42.71
C CYS H 116 -25.63 11.32 41.52
N SER H 117 -25.24 12.11 40.53
CA SER H 117 -24.63 11.66 39.28
C SER H 117 -23.12 11.61 39.45
N VAL H 118 -22.53 10.42 39.28
CA VAL H 118 -21.07 10.20 39.36
C VAL H 118 -20.63 9.71 37.97
N SER H 119 -19.96 10.55 37.16
CA SER H 119 -19.63 10.14 35.80
C SER H 119 -18.16 10.28 35.40
N GLY H 120 -17.81 9.59 34.32
CA GLY H 120 -16.51 9.58 33.67
C GLY H 120 -15.34 9.01 34.46
N PHE H 121 -15.59 8.01 35.34
CA PHE H 121 -14.55 7.41 36.19
C PHE H 121 -14.04 6.03 35.75
N TYR H 122 -12.82 5.71 36.22
CA TYR H 122 -12.15 4.43 36.00
C TYR H 122 -11.19 4.14 37.19
N PRO H 123 -11.21 2.95 37.81
CA PRO H 123 -12.05 1.77 37.53
C PRO H 123 -13.48 1.85 38.07
N GLY H 124 -14.20 0.76 37.91
CA GLY H 124 -15.59 0.64 38.34
C GLY H 124 -15.83 0.54 39.83
N SER H 125 -14.78 0.27 40.63
CA SER H 125 -14.94 0.15 42.09
C SER H 125 -15.09 1.53 42.71
N ILE H 126 -16.33 1.87 43.07
CA ILE H 126 -16.75 3.16 43.65
C ILE H 126 -17.72 2.97 44.84
N GLU H 127 -17.67 3.92 45.79
CA GLU H 127 -18.54 3.99 46.95
C GLU H 127 -19.19 5.38 46.95
N VAL H 128 -20.54 5.42 47.02
CA VAL H 128 -21.34 6.64 47.09
C VAL H 128 -22.22 6.64 48.37
N ARG H 129 -21.99 7.60 49.28
CA ARG H 129 -22.74 7.72 50.54
C ARG H 129 -23.54 9.01 50.60
N TRP H 130 -24.85 8.91 50.91
CA TRP H 130 -25.73 10.09 51.05
C TRP H 130 -25.78 10.49 52.52
N PHE H 131 -25.88 11.80 52.77
CA PHE H 131 -25.95 12.41 54.09
C PHE H 131 -27.04 13.49 54.12
N ARG H 132 -27.79 13.53 55.22
CA ARG H 132 -28.82 14.55 55.44
C ARG H 132 -28.43 15.17 56.76
N ASN H 133 -28.03 16.45 56.70
CA ASN H 133 -27.56 17.29 57.80
C ASN H 133 -26.38 16.63 58.58
N GLY H 134 -25.38 16.17 57.83
CA GLY H 134 -24.16 15.56 58.34
C GLY H 134 -24.26 14.12 58.82
N GLN H 135 -25.45 13.49 58.73
CA GLN H 135 -25.59 12.09 59.17
C GLN H 135 -26.17 11.16 58.11
N GLU H 136 -25.40 10.09 57.83
CA GLU H 136 -25.63 9.09 56.79
C GLU H 136 -27.05 8.57 56.73
N GLU H 137 -27.61 8.56 55.51
CA GLU H 137 -28.95 8.07 55.23
C GLU H 137 -28.82 6.85 54.34
N LYS H 138 -28.66 5.68 54.95
CA LYS H 138 -28.54 4.39 54.28
C LYS H 138 -29.90 3.84 53.75
N ALA H 139 -31.02 4.46 54.20
CA ALA H 139 -32.40 4.06 53.85
C ALA H 139 -33.01 4.94 52.79
N GLY H 140 -33.71 4.32 51.85
CA GLY H 140 -34.37 5.02 50.74
C GLY H 140 -33.41 5.40 49.64
N VAL H 141 -32.26 4.66 49.57
CA VAL H 141 -31.18 4.85 48.57
C VAL H 141 -31.33 3.79 47.46
N VAL H 142 -31.44 4.23 46.20
CA VAL H 142 -31.61 3.35 45.04
C VAL H 142 -30.66 3.77 43.89
N SER H 143 -29.77 2.84 43.48
CA SER H 143 -28.78 3.04 42.42
C SER H 143 -29.18 2.38 41.11
N THR H 144 -28.69 2.93 39.99
CA THR H 144 -28.85 2.37 38.63
C THR H 144 -27.81 1.24 38.45
N GLY H 145 -26.88 1.16 39.40
CA GLY H 145 -25.75 0.26 39.38
C GLY H 145 -24.66 0.89 38.54
N LEU H 146 -23.59 0.15 38.30
CA LEU H 146 -22.44 0.59 37.51
C LEU H 146 -22.75 0.49 36.00
N ILE H 147 -22.74 1.61 35.28
CA ILE H 147 -22.96 1.67 33.84
C ILE H 147 -21.61 1.85 33.12
N GLN H 148 -21.19 0.90 32.23
CA GLN H 148 -19.95 1.14 31.49
C GLN H 148 -20.27 1.67 30.09
N ASN H 149 -19.82 2.93 29.79
CA ASN H 149 -20.06 3.76 28.60
C ASN H 149 -19.39 3.31 27.30
N GLY H 150 -18.53 2.30 27.39
CA GLY H 150 -17.84 1.68 26.26
C GLY H 150 -16.56 2.34 25.76
N ASP H 151 -16.13 3.40 26.43
CA ASP H 151 -14.93 4.20 26.10
C ASP H 151 -13.93 4.24 27.24
N TRP H 152 -13.92 3.24 28.13
CA TRP H 152 -13.04 3.11 29.32
C TRP H 152 -13.40 4.09 30.44
N THR H 153 -14.70 4.41 30.57
CA THR H 153 -15.25 5.24 31.66
C THR H 153 -16.57 4.64 32.12
N PHE H 154 -16.89 4.88 33.38
CA PHE H 154 -18.09 4.42 34.05
C PHE H 154 -18.96 5.59 34.49
N GLN H 155 -20.21 5.28 34.81
CA GLN H 155 -21.14 6.22 35.39
C GLN H 155 -22.08 5.46 36.33
N THR H 156 -22.61 6.16 37.32
CA THR H 156 -23.57 5.63 38.30
C THR H 156 -24.47 6.78 38.74
N LEU H 157 -25.73 6.47 39.04
CA LEU H 157 -26.70 7.43 39.55
C LEU H 157 -27.26 6.85 40.83
N VAL H 158 -27.05 7.58 41.93
CA VAL H 158 -27.45 7.16 43.26
C VAL H 158 -28.52 8.13 43.78
N MET H 159 -29.78 7.69 43.72
CA MET H 159 -30.97 8.44 44.14
C MET H 159 -31.29 8.32 45.61
N LEU H 160 -31.83 9.40 46.19
CA LEU H 160 -32.29 9.46 47.56
C LEU H 160 -33.76 9.85 47.53
N GLU H 161 -34.62 8.93 48.02
CA GLU H 161 -36.07 9.12 48.14
C GLU H 161 -36.27 10.05 49.34
N THR H 162 -36.56 11.34 49.06
CA THR H 162 -36.74 12.39 50.07
C THR H 162 -37.52 13.58 49.52
N VAL H 163 -38.35 14.22 50.37
CA VAL H 163 -39.07 15.44 50.04
C VAL H 163 -38.33 16.52 50.83
N PRO H 164 -37.32 17.20 50.21
CA PRO H 164 -36.53 18.19 50.96
C PRO H 164 -37.34 19.32 51.59
N ARG H 165 -36.90 19.72 52.79
CA ARG H 165 -37.47 20.82 53.58
C ARG H 165 -36.55 22.04 53.38
N SER H 166 -37.13 23.25 53.26
CA SER H 166 -36.42 24.50 53.01
C SER H 166 -35.10 24.70 53.79
N GLY H 167 -34.99 24.13 54.99
CA GLY H 167 -33.77 24.23 55.78
C GLY H 167 -32.66 23.29 55.33
N GLU H 168 -32.99 21.98 55.27
CA GLU H 168 -32.15 20.81 54.97
C GLU H 168 -31.01 21.02 54.00
N VAL H 169 -29.87 20.40 54.33
CA VAL H 169 -28.64 20.34 53.53
C VAL H 169 -28.29 18.87 53.27
N TYR H 170 -28.27 18.48 51.99
CA TYR H 170 -27.95 17.12 51.56
C TYR H 170 -26.53 17.05 51.01
N THR H 171 -25.83 15.95 51.31
CA THR H 171 -24.43 15.71 50.93
C THR H 171 -24.23 14.35 50.26
N CYS H 172 -23.60 14.36 49.09
CA CYS H 172 -23.24 13.13 48.38
C CYS H 172 -21.74 12.97 48.52
N GLN H 173 -21.29 11.89 49.15
CA GLN H 173 -19.88 11.60 49.35
C GLN H 173 -19.46 10.43 48.47
N VAL H 174 -18.44 10.65 47.61
CA VAL H 174 -17.93 9.66 46.67
C VAL H 174 -16.48 9.31 47.01
N GLU H 175 -16.16 8.01 47.05
CA GLU H 175 -14.84 7.47 47.33
C GLU H 175 -14.42 6.59 46.16
N HIS H 176 -13.26 6.90 45.57
CA HIS H 176 -12.77 6.23 44.39
C HIS H 176 -11.23 6.11 44.41
N PRO H 177 -10.63 5.03 43.82
CA PRO H 177 -9.15 4.90 43.81
C PRO H 177 -8.36 6.08 43.23
N SER H 178 -9.01 6.92 42.43
CA SER H 178 -8.40 8.05 41.74
C SER H 178 -8.13 9.22 42.66
N VAL H 179 -8.92 9.36 43.75
CA VAL H 179 -8.80 10.43 44.75
C VAL H 179 -8.21 9.91 46.08
N THR H 180 -7.36 10.74 46.71
CA THR H 180 -6.73 10.50 48.01
C THR H 180 -7.76 10.61 49.15
N SER H 181 -8.64 11.64 49.10
CA SER H 181 -9.73 11.93 50.05
C SER H 181 -11.11 11.98 49.34
N PRO H 182 -12.25 11.72 50.03
CA PRO H 182 -13.56 11.69 49.34
C PRO H 182 -14.04 12.98 48.68
N LEU H 183 -14.78 12.83 47.56
CA LEU H 183 -15.36 13.97 46.86
C LEU H 183 -16.70 14.24 47.48
N THR H 184 -16.96 15.49 47.86
CA THR H 184 -18.18 15.90 48.52
C THR H 184 -18.89 16.97 47.70
N VAL H 185 -20.19 16.76 47.41
CA VAL H 185 -21.05 17.71 46.68
C VAL H 185 -22.27 17.98 47.56
N GLU H 186 -22.50 19.27 47.88
CA GLU H 186 -23.61 19.75 48.72
C GLU H 186 -24.82 20.25 47.93
N TRP H 187 -25.99 20.15 48.54
CA TRP H 187 -27.25 20.62 47.96
C TRP H 187 -28.18 21.16 49.05
N ARG H 188 -28.54 22.46 48.95
CA ARG H 188 -29.43 23.17 49.89
C ARG H 188 -30.85 23.24 49.36
N ALA H 189 -31.83 23.12 50.24
CA ALA H 189 -33.22 23.14 49.85
C ALA H 189 -33.86 24.50 50.09
N ARG I 1 5.93 -3.19 24.85
CA ARG I 1 5.84 -4.65 24.80
C ARG I 1 4.71 -5.10 23.89
N PHE I 2 4.80 -6.36 23.38
CA PHE I 2 3.81 -6.95 22.45
C PHE I 2 2.73 -7.81 23.11
N TYR I 3 1.47 -7.61 22.72
CA TYR I 3 0.36 -8.49 23.14
C TYR I 3 0.55 -9.79 22.37
N LYS I 4 0.43 -10.93 23.04
CA LYS I 4 0.54 -12.27 22.44
C LYS I 4 -0.81 -12.76 22.03
N THR I 5 -0.87 -13.45 20.88
CA THR I 5 -2.09 -14.08 20.38
C THR I 5 -1.94 -15.58 20.68
N LEU I 6 -3.00 -16.21 21.22
CA LEU I 6 -3.01 -17.66 21.41
C LEU I 6 -3.61 -18.16 20.11
N ARG I 7 -2.94 -19.15 19.52
CA ARG I 7 -3.28 -19.61 18.21
C ARG I 7 -4.42 -20.56 18.16
N ALA I 8 -5.36 -20.26 17.23
CA ALA I 8 -6.51 -21.10 16.90
C ALA I 8 -6.01 -22.43 16.39
N GLU I 9 -6.78 -23.45 16.67
CA GLU I 9 -6.44 -24.82 16.31
C GLU I 9 -7.47 -25.33 15.34
N GLN I 10 -7.01 -25.97 14.27
CA GLN I 10 -7.82 -26.58 13.22
C GLN I 10 -8.64 -27.70 13.87
N ALA I 11 -9.95 -27.72 13.66
CA ALA I 11 -10.83 -28.76 14.26
C ALA I 11 -10.79 -30.10 13.51
N SER I 12 -11.32 -31.16 14.14
CA SER I 12 -11.41 -32.51 13.60
C SER I 12 -12.20 -32.47 12.32
N GLN I 13 -11.62 -32.95 11.21
CA GLN I 13 -12.28 -32.90 9.90
C GLN I 13 -13.27 -34.04 9.72
#